data_1CZF
#
_entry.id   1CZF
#
_cell.length_a   65.497
_cell.length_b   201.241
_cell.length_c   49.065
_cell.angle_alpha   90.00
_cell.angle_beta   90.00
_cell.angle_gamma   90.00
#
_symmetry.space_group_name_H-M   'P 21 21 2'
#
loop_
_entity.id
_entity.type
_entity.pdbx_description
1 polymer 'POLYGALACTURONASE II'
2 non-polymer 2-acetamido-2-deoxy-beta-D-glucopyranose
3 non-polymer 'ZINC ION'
4 water water
#
_entity_poly.entity_id   1
_entity_poly.type   'polypeptide(L)'
_entity_poly.pdbx_seq_one_letter_code
;MHSFASLLAYGLVAGATFASASPIEARDSCTFTTAAAAKAGKAKCSTITLNNIEVPAGTTLDLTGLTSGTKVIFEGTTTF
QYEEWAGPLISMSGEHITVTGASGHLINCDGARWWDGKGTSGKKKPKFFYAHGLDSSSITGLNIKNTPLMAFSVQANDIT
FTDVTINNADGDTQGGHNTDAFDVGNSVGVNIIKPWVHNQDDCLAVNSGENIWFTGGTCIGGHGLSIGSVGDRSNNVVKN
VTIEHSTVSNSENAVRIKTISGATGSVSEITYSNIVMSGISDYGVVIQQDYEDGKPTGKPTNGVTIQDVKLESVTGSVDS
GATEIYLLCGSGSCSDWTWDDVKVTGGKKSTACKNFPSVASC
;
_entity_poly.pdbx_strand_id   A,B
#
loop_
_chem_comp.id
_chem_comp.type
_chem_comp.name
_chem_comp.formula
NAG D-saccharide, beta linking 2-acetamido-2-deoxy-beta-D-glucopyranose 'C8 H15 N O6'
ZN non-polymer 'ZINC ION' 'Zn 2'
#
# COMPACT_ATOMS: atom_id res chain seq x y z
N ASP A 28 -26.67 41.84 -5.21
CA ASP A 28 -26.07 43.12 -4.75
C ASP A 28 -25.07 42.83 -3.65
N SER A 29 -24.14 43.76 -3.44
CA SER A 29 -23.20 43.61 -2.35
C SER A 29 -23.90 44.23 -1.15
N CYS A 30 -24.03 43.47 -0.08
CA CYS A 30 -24.70 43.97 1.11
C CYS A 30 -23.82 43.81 2.32
N THR A 31 -23.94 44.75 3.24
CA THR A 31 -23.19 44.70 4.48
C THR A 31 -24.23 44.91 5.56
N PHE A 32 -24.29 43.97 6.49
CA PHE A 32 -25.27 44.04 7.57
C PHE A 32 -24.58 44.17 8.91
N THR A 33 -25.10 45.05 9.74
CA THR A 33 -24.54 45.25 11.07
C THR A 33 -25.48 44.71 12.13
N THR A 34 -26.61 44.15 11.71
CA THR A 34 -27.57 43.55 12.65
C THR A 34 -28.03 42.25 12.04
N ALA A 35 -28.41 41.30 12.90
CA ALA A 35 -28.91 40.01 12.45
C ALA A 35 -30.26 40.18 11.75
N ALA A 36 -31.07 41.11 12.26
CA ALA A 36 -32.39 41.35 11.68
C ALA A 36 -32.28 41.87 10.25
N ALA A 37 -31.35 42.79 10.01
CA ALA A 37 -31.19 43.33 8.65
C ALA A 37 -30.72 42.24 7.71
N ALA A 38 -29.80 41.39 8.19
CA ALA A 38 -29.27 40.30 7.38
C ALA A 38 -30.39 39.35 6.98
N LYS A 39 -31.25 38.99 7.92
CA LYS A 39 -32.37 38.11 7.63
C LYS A 39 -33.32 38.73 6.59
N ALA A 40 -33.63 40.00 6.78
CA ALA A 40 -34.54 40.70 5.87
C ALA A 40 -33.99 40.88 4.46
N GLY A 41 -32.71 41.22 4.34
CA GLY A 41 -32.16 41.48 3.02
C GLY A 41 -31.31 40.47 2.31
N LYS A 42 -31.00 39.36 2.96
CA LYS A 42 -30.13 38.34 2.38
C LYS A 42 -30.42 37.85 0.96
N ALA A 43 -31.67 37.59 0.63
CA ALA A 43 -32.02 37.05 -0.70
C ALA A 43 -31.49 37.84 -1.89
N LYS A 44 -31.55 39.17 -1.81
CA LYS A 44 -31.08 40.00 -2.91
C LYS A 44 -29.57 40.22 -2.91
N CYS A 45 -28.88 39.60 -1.97
CA CYS A 45 -27.43 39.78 -1.87
C CYS A 45 -26.58 38.70 -2.47
N SER A 46 -25.72 39.09 -3.40
CA SER A 46 -24.79 38.18 -4.03
C SER A 46 -23.55 38.11 -3.13
N THR A 47 -23.36 39.14 -2.31
CA THR A 47 -22.28 39.14 -1.33
C THR A 47 -22.89 39.70 -0.06
N ILE A 48 -22.72 38.97 1.03
CA ILE A 48 -23.26 39.37 2.32
C ILE A 48 -22.10 39.47 3.27
N THR A 49 -21.82 40.69 3.73
CA THR A 49 -20.75 40.92 4.68
C THR A 49 -21.44 41.14 6.01
N LEU A 50 -21.13 40.30 6.97
CA LEU A 50 -21.71 40.36 8.30
C LEU A 50 -20.70 41.07 9.18
N ASN A 51 -20.91 42.37 9.40
CA ASN A 51 -19.97 43.15 10.17
C ASN A 51 -20.30 43.36 11.65
N ASN A 52 -19.49 42.73 12.50
CA ASN A 52 -19.60 42.85 13.94
C ASN A 52 -21.02 42.73 14.48
N ILE A 53 -21.74 41.73 14.00
CA ILE A 53 -23.11 41.50 14.41
C ILE A 53 -23.22 40.87 15.79
N GLU A 54 -24.03 41.49 16.64
CA GLU A 54 -24.30 40.95 17.95
C GLU A 54 -25.71 40.40 17.79
N VAL A 55 -25.81 39.08 17.75
CA VAL A 55 -27.10 38.43 17.57
C VAL A 55 -27.92 38.54 18.85
N PRO A 56 -29.15 39.07 18.76
CA PRO A 56 -30.03 39.22 19.92
C PRO A 56 -30.26 37.92 20.67
N ALA A 57 -30.49 38.04 21.98
CA ALA A 57 -30.71 36.90 22.83
C ALA A 57 -31.79 35.97 22.29
N GLY A 58 -31.51 34.67 22.34
CA GLY A 58 -32.47 33.68 21.89
C GLY A 58 -32.86 33.77 20.44
N THR A 59 -31.99 34.35 19.62
CA THR A 59 -32.25 34.52 18.20
C THR A 59 -31.14 33.90 17.38
N THR A 60 -31.52 33.40 16.21
CA THR A 60 -30.59 32.79 15.27
C THR A 60 -30.18 33.82 14.25
N LEU A 61 -28.90 33.84 13.89
CA LEU A 61 -28.42 34.72 12.83
C LEU A 61 -28.89 33.85 11.66
N ASP A 62 -30.07 34.20 11.16
CA ASP A 62 -30.73 33.44 10.12
C ASP A 62 -30.28 33.74 8.70
N LEU A 63 -29.36 32.90 8.22
CA LEU A 63 -28.85 33.02 6.87
C LEU A 63 -29.30 31.82 6.04
N THR A 64 -30.50 31.33 6.36
CA THR A 64 -31.07 30.22 5.59
C THR A 64 -31.67 30.78 4.31
N GLY A 65 -31.92 29.91 3.35
CA GLY A 65 -32.52 30.33 2.09
C GLY A 65 -31.73 31.33 1.28
N LEU A 66 -30.42 31.24 1.33
CA LEU A 66 -29.57 32.14 0.57
C LEU A 66 -29.71 31.84 -0.91
N THR A 67 -29.60 32.88 -1.72
CA THR A 67 -29.68 32.72 -3.16
C THR A 67 -28.41 32.00 -3.62
N SER A 68 -28.56 31.10 -4.59
CA SER A 68 -27.41 30.35 -5.09
C SER A 68 -26.25 31.27 -5.50
N GLY A 69 -25.04 30.86 -5.15
CA GLY A 69 -23.86 31.62 -5.49
C GLY A 69 -23.49 32.74 -4.55
N THR A 70 -24.27 32.93 -3.50
CA THR A 70 -24.00 34.00 -2.55
C THR A 70 -22.72 33.77 -1.78
N LYS A 71 -21.95 34.84 -1.62
CA LYS A 71 -20.71 34.80 -0.85
C LYS A 71 -21.08 35.44 0.48
N VAL A 72 -20.72 34.80 1.59
CA VAL A 72 -20.98 35.33 2.91
C VAL A 72 -19.64 35.54 3.57
N ILE A 73 -19.41 36.74 4.09
CA ILE A 73 -18.14 37.04 4.73
C ILE A 73 -18.35 37.54 6.14
N PHE A 74 -17.75 36.86 7.10
CA PHE A 74 -17.85 37.28 8.49
C PHE A 74 -16.77 38.30 8.73
N GLU A 75 -17.15 39.47 9.19
CA GLU A 75 -16.21 40.53 9.48
C GLU A 75 -16.28 40.92 10.94
N GLY A 76 -15.12 41.30 11.47
CA GLY A 76 -15.06 41.72 12.86
C GLY A 76 -15.42 40.60 13.77
N THR A 77 -16.05 40.93 14.89
CA THR A 77 -16.42 39.93 15.86
C THR A 77 -17.92 39.75 15.93
N THR A 78 -18.35 38.52 15.72
CA THR A 78 -19.76 38.17 15.81
C THR A 78 -19.97 37.69 17.23
N THR A 79 -20.96 38.27 17.90
CA THR A 79 -21.27 37.87 19.27
C THR A 79 -22.74 37.52 19.37
N PHE A 80 -23.12 36.99 20.53
CA PHE A 80 -24.48 36.57 20.78
C PHE A 80 -24.87 36.94 22.19
N GLN A 81 -26.07 37.49 22.35
CA GLN A 81 -26.52 37.83 23.69
C GLN A 81 -26.88 36.55 24.41
N TYR A 82 -26.79 36.59 25.73
CA TYR A 82 -27.08 35.41 26.54
C TYR A 82 -28.55 35.10 26.77
N GLU A 83 -28.87 33.83 26.61
CA GLU A 83 -30.20 33.31 26.88
C GLU A 83 -30.09 31.80 26.86
N GLU A 84 -30.76 31.15 27.80
CA GLU A 84 -30.77 29.70 27.85
C GLU A 84 -31.77 29.20 26.82
N TRP A 85 -31.26 28.64 25.73
CA TRP A 85 -32.12 28.12 24.69
C TRP A 85 -31.35 27.10 23.85
N ALA A 86 -32.05 26.40 22.96
CA ALA A 86 -31.45 25.34 22.16
C ALA A 86 -30.72 25.73 20.87
N GLY A 87 -30.82 26.99 20.47
CA GLY A 87 -30.16 27.42 19.25
C GLY A 87 -30.97 27.11 18.02
N PRO A 88 -30.34 27.14 16.84
CA PRO A 88 -28.92 27.46 16.65
C PRO A 88 -28.63 28.94 16.69
N LEU A 89 -27.39 29.27 17.03
CA LEU A 89 -26.96 30.66 17.08
C LEU A 89 -26.87 31.18 15.64
N ILE A 90 -26.51 30.31 14.72
CA ILE A 90 -26.40 30.68 13.31
C ILE A 90 -26.93 29.51 12.48
N SER A 91 -27.68 29.82 11.44
CA SER A 91 -28.19 28.79 10.56
C SER A 91 -27.99 29.29 9.14
N MET A 92 -27.49 28.41 8.28
CA MET A 92 -27.24 28.79 6.91
C MET A 92 -27.67 27.69 5.96
N SER A 93 -28.25 28.08 4.84
CA SER A 93 -28.65 27.11 3.84
C SER A 93 -28.72 27.81 2.51
N GLY A 94 -28.61 27.02 1.46
CA GLY A 94 -28.63 27.55 0.11
C GLY A 94 -27.66 26.68 -0.67
N GLU A 95 -27.58 26.89 -1.97
CA GLU A 95 -26.69 26.10 -2.80
C GLU A 95 -25.59 26.99 -3.37
N HIS A 96 -24.40 26.42 -3.52
CA HIS A 96 -23.26 27.16 -4.07
C HIS A 96 -22.96 28.42 -3.28
N ILE A 97 -22.91 28.27 -1.96
CA ILE A 97 -22.62 29.38 -1.06
C ILE A 97 -21.16 29.30 -0.66
N THR A 98 -20.50 30.45 -0.66
CA THR A 98 -19.09 30.52 -0.29
C THR A 98 -19.01 31.36 0.97
N VAL A 99 -18.68 30.71 2.08
CA VAL A 99 -18.57 31.37 3.37
C VAL A 99 -17.12 31.55 3.75
N THR A 100 -16.76 32.77 4.11
CA THR A 100 -15.39 33.07 4.50
C THR A 100 -15.42 34.05 5.67
N GLY A 101 -14.24 34.35 6.19
CA GLY A 101 -14.13 35.29 7.28
C GLY A 101 -13.01 36.24 6.91
N ALA A 102 -13.22 37.53 7.17
CA ALA A 102 -12.21 38.54 6.88
C ALA A 102 -11.04 38.34 7.83
N SER A 103 -9.88 38.89 7.46
CA SER A 103 -8.72 38.77 8.32
C SER A 103 -9.04 39.36 9.69
N GLY A 104 -8.70 38.63 10.75
CA GLY A 104 -8.95 39.10 12.10
C GLY A 104 -10.34 38.85 12.65
N HIS A 105 -11.25 38.32 11.83
CA HIS A 105 -12.61 38.07 12.28
C HIS A 105 -12.63 37.00 13.35
N LEU A 106 -13.74 36.96 14.08
CA LEU A 106 -13.92 35.96 15.12
C LEU A 106 -15.40 35.84 15.40
N ILE A 107 -15.86 34.61 15.58
CA ILE A 107 -17.25 34.39 15.94
C ILE A 107 -17.06 33.90 17.37
N ASN A 108 -17.27 34.81 18.31
CA ASN A 108 -17.08 34.50 19.72
C ASN A 108 -18.40 34.25 20.40
N CYS A 109 -18.67 32.98 20.68
CA CYS A 109 -19.93 32.60 21.32
C CYS A 109 -19.92 32.80 22.81
N ASP A 110 -18.73 32.98 23.38
CA ASP A 110 -18.54 33.14 24.82
C ASP A 110 -19.43 32.15 25.55
N GLY A 111 -19.19 30.88 25.25
CA GLY A 111 -19.98 29.80 25.80
C GLY A 111 -19.90 29.56 27.28
N ALA A 112 -18.89 30.12 27.95
CA ALA A 112 -18.74 29.95 29.39
C ALA A 112 -19.96 30.47 30.12
N ARG A 113 -20.71 31.37 29.47
CA ARG A 113 -21.93 31.91 30.08
C ARG A 113 -22.93 30.78 30.29
N TRP A 114 -22.85 29.75 29.44
CA TRP A 114 -23.74 28.58 29.54
C TRP A 114 -23.11 27.38 30.21
N TRP A 115 -21.84 27.12 29.91
CA TRP A 115 -21.14 25.97 30.46
C TRP A 115 -21.37 25.82 31.94
N ASP A 116 -21.85 24.65 32.32
CA ASP A 116 -22.16 24.37 33.72
C ASP A 116 -21.75 22.95 34.08
N GLY A 117 -20.88 22.37 33.26
CA GLY A 117 -20.41 21.02 33.48
C GLY A 117 -21.42 19.94 33.16
N LYS A 118 -22.53 20.33 32.53
CA LYS A 118 -23.59 19.38 32.22
C LYS A 118 -23.89 19.19 30.74
N GLY A 119 -23.34 20.06 29.90
CA GLY A 119 -23.55 19.96 28.46
C GLY A 119 -25.01 19.95 28.01
N THR A 120 -25.47 18.81 27.52
CA THR A 120 -26.86 18.70 27.06
C THR A 120 -27.87 18.73 28.23
N SER A 121 -27.37 18.57 29.45
CA SER A 121 -28.20 18.64 30.65
C SER A 121 -27.94 20.00 31.29
N GLY A 122 -28.65 20.29 32.37
CA GLY A 122 -28.47 21.57 33.05
C GLY A 122 -29.07 22.71 32.24
N LYS A 123 -28.39 23.85 32.21
CA LYS A 123 -28.86 25.00 31.46
C LYS A 123 -29.08 24.61 30.02
N LYS A 124 -30.11 25.17 29.38
CA LYS A 124 -30.35 24.90 27.98
C LYS A 124 -29.30 25.72 27.25
N LYS A 125 -28.45 25.03 26.47
CA LYS A 125 -27.37 25.70 25.74
C LYS A 125 -27.63 25.61 24.23
N PRO A 126 -27.42 26.72 23.53
CA PRO A 126 -27.66 26.71 22.09
C PRO A 126 -26.62 26.07 21.19
N LYS A 127 -27.08 25.25 20.25
CA LYS A 127 -26.17 24.66 19.29
C LYS A 127 -25.69 25.85 18.48
N PHE A 128 -24.47 25.76 17.97
CA PHE A 128 -23.89 26.90 17.28
C PHE A 128 -24.28 27.20 15.84
N PHE A 129 -23.95 26.28 14.95
CA PHE A 129 -24.15 26.52 13.52
C PHE A 129 -24.83 25.36 12.81
N TYR A 130 -25.99 25.64 12.25
CA TYR A 130 -26.72 24.64 11.47
C TYR A 130 -26.36 24.80 10.01
N ALA A 131 -25.67 23.81 9.47
CA ALA A 131 -25.32 23.79 8.06
C ALA A 131 -26.25 22.73 7.49
N HIS A 132 -27.54 23.04 7.51
CA HIS A 132 -28.56 22.13 7.04
C HIS A 132 -29.05 22.63 5.69
N GLY A 133 -28.76 21.87 4.65
CA GLY A 133 -29.16 22.27 3.33
C GLY A 133 -28.21 23.31 2.76
N LEU A 134 -27.01 23.39 3.32
CA LEU A 134 -26.00 24.31 2.82
C LEU A 134 -25.24 23.39 1.86
N ASP A 135 -25.85 23.19 0.69
CA ASP A 135 -25.35 22.28 -0.33
C ASP A 135 -24.39 22.88 -1.35
N SER A 136 -23.44 22.06 -1.78
CA SER A 136 -22.42 22.46 -2.74
C SER A 136 -21.85 23.79 -2.34
N SER A 137 -21.57 23.89 -1.04
CA SER A 137 -21.06 25.11 -0.46
C SER A 137 -19.78 24.88 0.30
N SER A 138 -19.10 25.97 0.61
CA SER A 138 -17.86 25.90 1.35
C SER A 138 -17.87 26.91 2.48
N ILE A 139 -17.20 26.55 3.56
CA ILE A 139 -17.05 27.39 4.74
C ILE A 139 -15.56 27.32 4.96
N THR A 140 -14.88 28.45 4.81
CA THR A 140 -13.45 28.50 4.91
C THR A 140 -12.88 29.52 5.88
N GLY A 141 -11.90 29.07 6.65
CA GLY A 141 -11.20 29.94 7.58
C GLY A 141 -11.94 30.54 8.75
N LEU A 142 -13.15 30.07 9.04
CA LEU A 142 -13.89 30.63 10.15
C LEU A 142 -13.18 30.37 11.46
N ASN A 143 -13.12 31.40 12.29
CA ASN A 143 -12.50 31.34 13.59
C ASN A 143 -13.62 31.42 14.59
N ILE A 144 -13.88 30.28 15.22
CA ILE A 144 -14.96 30.14 16.19
C ILE A 144 -14.38 29.99 17.59
N LYS A 145 -15.00 30.64 18.56
CA LYS A 145 -14.52 30.54 19.93
C LYS A 145 -15.62 30.29 20.94
N ASN A 146 -15.36 29.30 21.78
CA ASN A 146 -16.23 28.93 22.89
C ASN A 146 -17.71 28.72 22.62
N THR A 147 -18.01 27.73 21.79
CA THR A 147 -19.40 27.41 21.52
C THR A 147 -19.98 26.86 22.82
N PRO A 148 -21.20 27.28 23.17
CA PRO A 148 -21.83 26.80 24.41
C PRO A 148 -22.12 25.30 24.40
N LEU A 149 -22.33 24.74 23.20
CA LEU A 149 -22.61 23.33 23.04
C LEU A 149 -21.94 22.89 21.72
N MET A 150 -22.62 22.10 20.90
CA MET A 150 -21.99 21.65 19.64
C MET A 150 -21.73 22.82 18.72
N ALA A 151 -20.71 22.67 17.90
CA ALA A 151 -20.35 23.71 16.96
C ALA A 151 -21.15 23.54 15.68
N PHE A 152 -20.64 22.72 14.78
CA PHE A 152 -21.30 22.53 13.50
C PHE A 152 -22.19 21.31 13.37
N SER A 153 -23.45 21.56 13.02
CA SER A 153 -24.39 20.48 12.79
C SER A 153 -24.46 20.44 11.27
N VAL A 154 -23.97 19.35 10.70
CA VAL A 154 -23.93 19.17 9.27
C VAL A 154 -24.99 18.20 8.76
N GLN A 155 -25.88 18.71 7.91
CA GLN A 155 -26.93 17.90 7.29
C GLN A 155 -27.03 18.56 5.94
N ALA A 156 -26.03 18.28 5.11
CA ALA A 156 -25.94 18.90 3.81
C ALA A 156 -25.18 17.99 2.85
N ASN A 157 -25.26 18.33 1.57
CA ASN A 157 -24.60 17.57 0.54
C ASN A 157 -23.53 18.41 -0.13
N ASP A 158 -22.40 17.78 -0.43
CA ASP A 158 -21.29 18.44 -1.09
C ASP A 158 -20.87 19.70 -0.34
N ILE A 159 -20.68 19.55 0.96
CA ILE A 159 -20.28 20.68 1.80
C ILE A 159 -18.83 20.53 2.23
N THR A 160 -18.12 21.66 2.22
CA THR A 160 -16.70 21.66 2.57
C THR A 160 -16.40 22.68 3.65
N PHE A 161 -15.62 22.26 4.64
CA PHE A 161 -15.20 23.11 5.76
C PHE A 161 -13.70 23.07 5.69
N THR A 162 -13.08 24.19 5.32
CA THR A 162 -11.64 24.24 5.21
C THR A 162 -11.04 25.24 6.17
N ASP A 163 -9.98 24.84 6.86
CA ASP A 163 -9.28 25.70 7.79
C ASP A 163 -10.19 26.34 8.82
N VAL A 164 -11.17 25.58 9.30
CA VAL A 164 -12.09 26.08 10.30
C VAL A 164 -11.47 25.81 11.67
N THR A 165 -11.43 26.83 12.51
CA THR A 165 -10.86 26.67 13.84
C THR A 165 -11.95 26.85 14.88
N ILE A 166 -12.08 25.85 15.74
CA ILE A 166 -13.07 25.88 16.80
C ILE A 166 -12.29 25.83 18.10
N ASN A 167 -12.11 27.00 18.70
CA ASN A 167 -11.37 27.12 19.93
C ASN A 167 -12.28 27.16 21.14
N ASN A 168 -12.45 25.99 21.75
CA ASN A 168 -13.25 25.84 22.96
C ASN A 168 -12.33 25.46 24.10
N ALA A 169 -11.06 25.82 24.00
CA ALA A 169 -10.09 25.51 25.04
C ALA A 169 -10.56 25.87 26.45
N ASP A 170 -11.19 27.04 26.57
CA ASP A 170 -11.67 27.51 27.87
C ASP A 170 -12.66 26.52 28.50
N GLY A 171 -13.36 25.77 27.65
CA GLY A 171 -14.32 24.79 28.13
C GLY A 171 -13.72 23.71 28.99
N ASP A 172 -12.41 23.48 28.86
CA ASP A 172 -11.76 22.45 29.66
C ASP A 172 -11.85 22.74 31.14
N THR A 173 -11.76 24.01 31.50
CA THR A 173 -11.78 24.39 32.90
C THR A 173 -13.02 25.16 33.32
N GLN A 174 -13.85 25.53 32.35
CA GLN A 174 -15.06 26.27 32.66
C GLN A 174 -16.33 25.46 32.49
N GLY A 175 -16.19 24.14 32.47
CA GLY A 175 -17.35 23.26 32.39
C GLY A 175 -17.97 22.93 31.06
N GLY A 176 -17.21 23.06 29.98
CA GLY A 176 -17.73 22.73 28.67
C GLY A 176 -17.89 21.23 28.52
N HIS A 177 -19.00 20.82 27.90
CA HIS A 177 -19.30 19.41 27.65
C HIS A 177 -20.22 19.32 26.45
N ASN A 178 -20.13 18.23 25.72
CA ASN A 178 -20.96 18.03 24.52
C ASN A 178 -20.75 19.16 23.52
N THR A 179 -19.51 19.61 23.44
CA THR A 179 -19.14 20.68 22.54
C THR A 179 -18.56 20.10 21.25
N ASP A 180 -19.27 19.12 20.68
CA ASP A 180 -18.86 18.45 19.44
C ASP A 180 -18.46 19.49 18.41
N ALA A 181 -17.38 19.21 17.67
CA ALA A 181 -16.92 20.15 16.65
C ALA A 181 -17.76 19.99 15.39
N PHE A 182 -17.81 18.77 14.87
CA PHE A 182 -18.58 18.50 13.66
C PHE A 182 -19.47 17.29 13.83
N ASP A 183 -20.78 17.50 13.83
CA ASP A 183 -21.74 16.42 13.93
C ASP A 183 -22.30 16.27 12.55
N VAL A 184 -22.19 15.07 12.00
CA VAL A 184 -22.66 14.82 10.65
C VAL A 184 -23.76 13.77 10.60
N GLY A 185 -24.83 14.13 9.92
CA GLY A 185 -25.94 13.21 9.74
C GLY A 185 -26.64 13.61 8.46
N ASN A 186 -27.20 12.63 7.76
CA ASN A 186 -27.95 12.87 6.54
C ASN A 186 -27.23 13.82 5.61
N SER A 187 -25.99 13.45 5.31
CA SER A 187 -25.13 14.26 4.47
C SER A 187 -24.38 13.38 3.50
N VAL A 188 -24.30 13.80 2.25
CA VAL A 188 -23.55 13.03 1.25
C VAL A 188 -22.53 13.98 0.66
N GLY A 189 -21.25 13.68 0.91
CA GLY A 189 -20.19 14.53 0.40
C GLY A 189 -19.92 15.63 1.39
N VAL A 190 -19.10 15.30 2.39
CA VAL A 190 -18.71 16.26 3.41
C VAL A 190 -17.21 16.23 3.47
N ASN A 191 -16.59 17.40 3.35
CA ASN A 191 -15.14 17.53 3.38
C ASN A 191 -14.77 18.46 4.52
N ILE A 192 -13.95 17.96 5.43
CA ILE A 192 -13.50 18.75 6.56
C ILE A 192 -11.99 18.69 6.43
N ILE A 193 -11.45 19.81 5.95
CA ILE A 193 -10.03 19.92 5.67
C ILE A 193 -9.33 20.83 6.65
N LYS A 194 -8.29 20.29 7.27
CA LYS A 194 -7.49 20.99 8.25
C LYS A 194 -8.26 21.72 9.33
N PRO A 195 -9.25 21.06 9.94
CA PRO A 195 -9.98 21.77 11.00
C PRO A 195 -9.02 21.79 12.20
N TRP A 196 -9.20 22.76 13.08
CA TRP A 196 -8.39 22.84 14.29
C TRP A 196 -9.44 22.91 15.37
N VAL A 197 -9.40 21.94 16.27
CA VAL A 197 -10.40 21.86 17.31
C VAL A 197 -9.85 21.61 18.69
N HIS A 198 -10.34 22.39 19.63
CA HIS A 198 -9.99 22.18 21.02
C HIS A 198 -11.37 22.25 21.66
N ASN A 199 -11.91 21.10 22.05
CA ASN A 199 -13.25 21.06 22.63
C ASN A 199 -13.37 20.02 23.73
N GLN A 200 -14.62 19.64 24.04
CA GLN A 200 -14.87 18.70 25.10
C GLN A 200 -15.78 17.54 24.71
N ASP A 201 -15.87 17.28 23.42
CA ASP A 201 -16.64 16.13 22.96
C ASP A 201 -16.07 15.75 21.61
N ASP A 202 -16.79 14.98 20.81
CA ASP A 202 -16.28 14.55 19.53
C ASP A 202 -15.74 15.64 18.64
N CYS A 203 -14.58 15.35 18.07
CA CYS A 203 -13.96 16.25 17.12
C CYS A 203 -14.82 16.07 15.87
N LEU A 204 -15.19 14.82 15.61
CA LEU A 204 -16.06 14.45 14.51
C LEU A 204 -17.00 13.36 15.04
N ALA A 205 -18.29 13.50 14.75
CA ALA A 205 -19.28 12.51 15.16
C ALA A 205 -20.22 12.31 13.98
N VAL A 206 -20.14 11.15 13.35
CA VAL A 206 -20.98 10.85 12.20
C VAL A 206 -22.07 9.85 12.58
N ASN A 207 -23.32 10.31 12.67
CA ASN A 207 -24.39 9.36 12.99
C ASN A 207 -24.94 8.74 11.72
N SER A 208 -24.69 9.42 10.60
CA SER A 208 -25.09 8.92 9.29
C SER A 208 -24.47 9.81 8.23
N GLY A 209 -24.35 9.28 7.03
CA GLY A 209 -23.77 10.06 5.96
C GLY A 209 -22.92 9.21 5.05
N GLU A 210 -22.62 9.76 3.90
CA GLU A 210 -21.80 9.07 2.93
C GLU A 210 -20.80 10.03 2.34
N ASN A 211 -19.62 9.49 1.99
CA ASN A 211 -18.55 10.25 1.36
C ASN A 211 -18.09 11.40 2.20
N ILE A 212 -17.63 11.06 3.40
CA ILE A 212 -17.16 12.04 4.35
C ILE A 212 -15.64 11.94 4.39
N TRP A 213 -14.99 13.09 4.29
CA TRP A 213 -13.55 13.16 4.26
C TRP A 213 -13.13 14.16 5.31
N PHE A 214 -12.32 13.70 6.25
CA PHE A 214 -11.82 14.53 7.34
C PHE A 214 -10.31 14.36 7.25
N THR A 215 -9.60 15.43 6.97
CA THR A 215 -8.16 15.32 6.82
C THR A 215 -7.41 16.48 7.45
N GLY A 216 -6.20 16.20 7.94
CA GLY A 216 -5.34 17.22 8.51
C GLY A 216 -5.87 17.90 9.74
N GLY A 217 -6.72 17.20 10.49
CA GLY A 217 -7.30 17.80 11.66
C GLY A 217 -6.47 17.74 12.93
N THR A 218 -6.65 18.77 13.75
CA THR A 218 -6.00 18.85 15.04
C THR A 218 -7.17 18.72 15.99
N CYS A 219 -7.23 17.60 16.72
CA CYS A 219 -8.31 17.36 17.66
C CYS A 219 -7.75 17.33 19.06
N ILE A 220 -8.05 18.38 19.82
CA ILE A 220 -7.56 18.51 21.17
C ILE A 220 -8.71 18.54 22.17
N GLY A 221 -8.47 17.90 23.32
CA GLY A 221 -9.42 17.90 24.42
C GLY A 221 -10.72 17.16 24.34
N GLY A 222 -11.15 16.80 23.14
CA GLY A 222 -12.43 16.15 22.97
C GLY A 222 -12.53 14.65 23.16
N HIS A 223 -13.45 14.04 22.42
CA HIS A 223 -13.71 12.62 22.49
C HIS A 223 -13.23 11.85 21.29
N GLY A 224 -12.52 12.52 20.40
CA GLY A 224 -11.98 11.83 19.24
C GLY A 224 -12.71 11.93 17.93
N LEU A 225 -12.31 11.05 17.02
CA LEU A 225 -12.86 10.99 15.67
C LEU A 225 -13.78 9.78 15.66
N SER A 226 -15.06 10.07 15.81
CA SER A 226 -16.07 9.04 15.96
C SER A 226 -17.11 8.81 14.89
N ILE A 227 -17.37 7.54 14.66
CA ILE A 227 -18.42 7.12 13.77
C ILE A 227 -19.45 6.61 14.78
N GLY A 228 -20.64 7.20 14.76
CA GLY A 228 -21.67 6.78 15.67
C GLY A 228 -21.88 7.73 16.83
N SER A 229 -22.68 7.31 17.82
CA SER A 229 -23.33 5.99 17.82
C SER A 229 -24.32 5.83 16.68
N VAL A 230 -24.20 4.71 15.97
CA VAL A 230 -25.06 4.44 14.84
C VAL A 230 -26.23 3.55 15.24
N GLY A 231 -27.41 3.92 14.78
CA GLY A 231 -28.60 3.14 15.09
C GLY A 231 -29.75 3.95 15.65
N ASP A 232 -30.95 3.39 15.52
CA ASP A 232 -32.17 4.00 16.05
C ASP A 232 -32.55 5.38 15.52
N ARG A 233 -32.18 5.67 14.29
CA ARG A 233 -32.51 6.95 13.68
C ARG A 233 -33.21 6.64 12.36
N SER A 234 -33.64 7.69 11.66
CA SER A 234 -34.29 7.52 10.37
C SER A 234 -33.24 7.12 9.34
N ASN A 235 -31.97 7.29 9.70
CA ASN A 235 -30.87 6.96 8.81
C ASN A 235 -29.77 6.36 9.66
N ASN A 236 -29.52 5.07 9.47
CA ASN A 236 -28.48 4.37 10.23
C ASN A 236 -27.42 3.83 9.30
N VAL A 237 -27.16 4.59 8.25
CA VAL A 237 -26.16 4.23 7.27
C VAL A 237 -25.00 5.24 7.26
N VAL A 238 -23.80 4.72 7.47
CA VAL A 238 -22.59 5.53 7.41
C VAL A 238 -21.78 4.78 6.37
N LYS A 239 -21.43 5.44 5.28
CA LYS A 239 -20.68 4.79 4.24
C LYS A 239 -19.64 5.68 3.62
N ASN A 240 -18.43 5.15 3.53
CA ASN A 240 -17.31 5.84 2.93
C ASN A 240 -16.89 7.08 3.68
N VAL A 241 -16.24 6.85 4.82
CA VAL A 241 -15.75 7.94 5.64
C VAL A 241 -14.25 7.74 5.74
N THR A 242 -13.50 8.76 5.34
CA THR A 242 -12.04 8.71 5.39
C THR A 242 -11.57 9.81 6.32
N ILE A 243 -10.97 9.39 7.43
CA ILE A 243 -10.46 10.28 8.46
C ILE A 243 -8.96 10.04 8.44
N GLU A 244 -8.20 11.06 8.06
CA GLU A 244 -6.76 10.86 7.93
C GLU A 244 -5.92 12.06 8.27
N HIS A 245 -4.62 11.82 8.41
CA HIS A 245 -3.64 12.86 8.72
C HIS A 245 -4.12 13.76 9.83
N SER A 246 -4.67 13.15 10.86
CA SER A 246 -5.21 13.88 11.98
C SER A 246 -4.51 13.48 13.25
N THR A 247 -4.37 14.43 14.14
CA THR A 247 -3.68 14.20 15.38
C THR A 247 -4.62 14.48 16.53
N VAL A 248 -4.75 13.50 17.42
CA VAL A 248 -5.65 13.62 18.56
C VAL A 248 -4.82 13.74 19.82
N SER A 249 -5.11 14.78 20.60
CA SER A 249 -4.38 15.06 21.82
C SER A 249 -5.31 15.32 22.99
N ASN A 250 -4.92 14.79 24.16
CA ASN A 250 -5.68 15.02 25.39
C ASN A 250 -7.16 14.83 25.17
N SER A 251 -7.49 13.68 24.61
CA SER A 251 -8.86 13.34 24.29
C SER A 251 -9.25 12.04 24.95
N GLU A 252 -10.54 11.80 25.01
CA GLU A 252 -11.06 10.59 25.60
C GLU A 252 -10.74 9.38 24.73
N ASN A 253 -10.90 9.54 23.43
CA ASN A 253 -10.63 8.49 22.46
C ASN A 253 -9.96 9.12 21.26
N ALA A 254 -9.37 8.29 20.41
CA ALA A 254 -8.77 8.79 19.19
C ALA A 254 -9.63 8.27 18.04
N VAL A 255 -9.61 6.96 17.84
CA VAL A 255 -10.38 6.32 16.78
C VAL A 255 -11.56 5.60 17.44
N ARG A 256 -12.78 5.97 17.05
CA ARG A 256 -13.95 5.35 17.66
C ARG A 256 -15.10 5.07 16.71
N ILE A 257 -15.66 3.87 16.83
CA ILE A 257 -16.83 3.47 16.06
C ILE A 257 -17.75 2.83 17.07
N LYS A 258 -18.95 3.38 17.20
CA LYS A 258 -19.92 2.84 18.15
C LYS A 258 -21.23 2.56 17.43
N THR A 259 -21.82 1.42 17.78
CA THR A 259 -23.12 1.08 17.22
C THR A 259 -24.00 0.71 18.42
N ILE A 260 -25.30 0.99 18.28
CA ILE A 260 -26.25 0.78 19.35
C ILE A 260 -26.73 -0.65 19.49
N SER A 261 -26.78 -1.14 20.72
CA SER A 261 -27.23 -2.48 21.03
C SER A 261 -28.64 -2.72 20.50
N GLY A 262 -28.80 -3.79 19.74
CA GLY A 262 -30.09 -4.16 19.18
C GLY A 262 -30.51 -3.37 17.96
N ALA A 263 -29.74 -2.35 17.61
CA ALA A 263 -30.06 -1.53 16.47
C ALA A 263 -29.64 -2.16 15.15
N THR A 264 -30.21 -1.65 14.06
CA THR A 264 -29.88 -2.13 12.73
C THR A 264 -29.25 -0.96 11.98
N GLY A 265 -28.47 -1.28 10.97
CA GLY A 265 -27.84 -0.24 10.20
C GLY A 265 -26.62 -0.76 9.48
N SER A 266 -25.86 0.17 8.92
CA SER A 266 -24.68 -0.20 8.17
C SER A 266 -23.58 0.84 8.25
N VAL A 267 -22.39 0.39 8.64
CA VAL A 267 -21.22 1.24 8.73
C VAL A 267 -20.23 0.55 7.80
N SER A 268 -19.79 1.26 6.77
CA SER A 268 -18.87 0.64 5.84
C SER A 268 -17.94 1.62 5.18
N GLU A 269 -16.82 1.09 4.70
CA GLU A 269 -15.82 1.89 4.00
C GLU A 269 -15.31 3.02 4.86
N ILE A 270 -14.93 2.65 6.07
CA ILE A 270 -14.41 3.58 7.05
C ILE A 270 -12.90 3.43 7.05
N THR A 271 -12.19 4.51 6.81
CA THR A 271 -10.75 4.48 6.79
C THR A 271 -10.17 5.51 7.75
N TYR A 272 -9.32 5.05 8.66
CA TYR A 272 -8.61 5.93 9.59
C TYR A 272 -7.18 5.71 9.16
N SER A 273 -6.56 6.76 8.64
CA SER A 273 -5.20 6.64 8.14
C SER A 273 -4.33 7.76 8.64
N ASN A 274 -3.13 7.40 9.10
CA ASN A 274 -2.17 8.38 9.60
C ASN A 274 -2.77 9.22 10.73
N ILE A 275 -3.20 8.51 11.77
CA ILE A 275 -3.77 9.12 12.95
C ILE A 275 -2.72 8.95 14.04
N VAL A 276 -2.37 10.05 14.69
CA VAL A 276 -1.41 10.03 15.79
C VAL A 276 -2.20 10.47 17.01
N MET A 277 -1.95 9.82 18.14
CA MET A 277 -2.65 10.15 19.36
C MET A 277 -1.72 10.21 20.56
N SER A 278 -2.15 10.95 21.57
CA SER A 278 -1.43 11.04 22.84
C SER A 278 -2.35 11.71 23.84
N GLY A 279 -2.09 11.48 25.12
CA GLY A 279 -2.93 12.05 26.15
C GLY A 279 -4.35 11.49 26.03
N ILE A 280 -4.45 10.21 25.69
CA ILE A 280 -5.76 9.57 25.52
C ILE A 280 -6.17 8.91 26.83
N SER A 281 -7.32 9.29 27.36
CA SER A 281 -7.78 8.78 28.64
C SER A 281 -8.57 7.47 28.66
N ASP A 282 -9.31 7.20 27.58
CA ASP A 282 -10.13 6.01 27.57
C ASP A 282 -9.78 4.94 26.56
N TYR A 283 -9.79 5.29 25.28
CA TYR A 283 -9.49 4.32 24.24
C TYR A 283 -8.69 4.91 23.11
N GLY A 284 -7.64 4.20 22.69
CA GLY A 284 -6.87 4.67 21.55
C GLY A 284 -7.72 4.36 20.34
N VAL A 285 -8.07 3.08 20.19
CA VAL A 285 -8.91 2.63 19.08
C VAL A 285 -10.02 1.82 19.72
N VAL A 286 -11.27 2.19 19.44
CA VAL A 286 -12.38 1.44 19.99
C VAL A 286 -13.48 1.31 18.97
N ILE A 287 -13.90 0.07 18.74
CA ILE A 287 -14.96 -0.24 17.81
C ILE A 287 -15.81 -1.20 18.61
N GLN A 288 -16.97 -0.72 19.04
CA GLN A 288 -17.84 -1.55 19.87
C GLN A 288 -19.29 -1.40 19.47
N GLN A 289 -20.03 -2.50 19.59
CA GLN A 289 -21.43 -2.53 19.18
C GLN A 289 -22.37 -2.85 20.32
N ASP A 290 -22.06 -2.32 21.50
CA ASP A 290 -22.83 -2.62 22.70
C ASP A 290 -23.36 -1.38 23.41
N TYR A 291 -23.63 -0.33 22.66
CA TYR A 291 -24.15 0.88 23.28
C TYR A 291 -25.64 0.82 23.54
N GLU A 292 -25.99 0.86 24.81
CA GLU A 292 -27.38 0.80 25.21
C GLU A 292 -27.65 1.96 26.16
N ASP A 293 -28.61 2.80 25.81
CA ASP A 293 -28.96 3.96 26.63
C ASP A 293 -27.76 4.87 26.79
N GLY A 294 -26.93 4.91 25.75
CA GLY A 294 -25.74 5.74 25.75
C GLY A 294 -24.56 5.19 26.52
N LYS A 295 -24.68 3.97 27.03
CA LYS A 295 -23.60 3.37 27.80
C LYS A 295 -23.23 1.98 27.29
N PRO A 296 -21.92 1.67 27.26
CA PRO A 296 -21.46 0.36 26.81
C PRO A 296 -21.90 -0.69 27.83
N THR A 297 -22.24 -1.88 27.34
CA THR A 297 -22.70 -2.96 28.23
C THR A 297 -21.77 -4.16 28.28
N GLY A 298 -20.92 -4.28 27.27
CA GLY A 298 -20.01 -5.41 27.18
C GLY A 298 -20.64 -6.51 26.36
N LYS A 299 -21.88 -6.30 25.92
CA LYS A 299 -22.62 -7.27 25.12
C LYS A 299 -22.90 -6.72 23.72
N PRO A 300 -22.01 -6.99 22.76
CA PRO A 300 -22.21 -6.48 21.41
C PRO A 300 -23.27 -7.21 20.64
N THR A 301 -23.97 -6.49 19.78
CA THR A 301 -25.00 -7.09 18.95
C THR A 301 -24.55 -7.01 17.49
N ASN A 302 -25.27 -7.69 16.60
CA ASN A 302 -24.85 -7.74 15.20
C ASN A 302 -25.83 -7.21 14.14
N GLY A 303 -26.72 -6.32 14.55
CA GLY A 303 -27.68 -5.75 13.61
C GLY A 303 -27.08 -4.63 12.77
N VAL A 304 -25.98 -4.05 13.25
CA VAL A 304 -25.31 -3.00 12.50
C VAL A 304 -24.03 -3.59 11.98
N THR A 305 -23.91 -3.66 10.67
CA THR A 305 -22.70 -4.22 10.08
C THR A 305 -21.59 -3.17 10.09
N ILE A 306 -20.37 -3.62 10.32
CA ILE A 306 -19.20 -2.74 10.30
C ILE A 306 -18.25 -3.44 9.34
N GLN A 307 -18.26 -2.95 8.11
CA GLN A 307 -17.50 -3.57 7.04
C GLN A 307 -16.53 -2.60 6.40
N ASP A 308 -15.45 -3.15 5.85
CA ASP A 308 -14.46 -2.31 5.21
C ASP A 308 -13.90 -1.22 6.08
N VAL A 309 -13.46 -1.63 7.27
CA VAL A 309 -12.83 -0.72 8.19
C VAL A 309 -11.35 -0.92 7.94
N LYS A 310 -10.68 0.16 7.56
CA LYS A 310 -9.26 0.11 7.30
C LYS A 310 -8.56 1.08 8.24
N LEU A 311 -7.66 0.56 9.06
CA LEU A 311 -6.86 1.41 9.93
C LEU A 311 -5.48 1.27 9.33
N GLU A 312 -4.85 2.40 9.06
CA GLU A 312 -3.54 2.43 8.45
C GLU A 312 -2.74 3.49 9.16
N SER A 313 -1.67 3.07 9.82
CA SER A 313 -0.81 3.99 10.55
C SER A 313 -1.59 4.77 11.58
N VAL A 314 -2.11 4.04 12.56
CA VAL A 314 -2.85 4.62 13.67
C VAL A 314 -1.93 4.33 14.85
N THR A 315 -1.22 5.35 15.29
CA THR A 315 -0.25 5.16 16.34
C THR A 315 -0.29 6.23 17.42
N GLY A 316 0.44 5.96 18.49
CA GLY A 316 0.48 6.91 19.57
C GLY A 316 0.40 6.25 20.92
N SER A 317 0.19 7.08 21.93
CA SER A 317 0.13 6.61 23.29
C SER A 317 -1.19 6.98 23.94
N VAL A 318 -1.54 6.20 24.95
CA VAL A 318 -2.75 6.44 25.73
C VAL A 318 -2.31 6.36 27.19
N ASP A 319 -3.18 6.80 28.09
CA ASP A 319 -2.87 6.78 29.51
C ASP A 319 -2.79 5.37 30.01
N SER A 320 -2.09 5.20 31.13
CA SER A 320 -1.94 3.90 31.76
C SER A 320 -3.30 3.27 32.08
N GLY A 321 -4.28 4.13 32.39
CA GLY A 321 -5.62 3.65 32.72
C GLY A 321 -6.51 3.46 31.51
N ALA A 322 -6.06 3.95 30.36
CA ALA A 322 -6.83 3.83 29.13
C ALA A 322 -6.60 2.45 28.52
N THR A 323 -7.53 2.02 27.67
CA THR A 323 -7.39 0.75 26.97
C THR A 323 -6.88 1.14 25.59
N GLU A 324 -5.83 0.47 25.14
CA GLU A 324 -5.25 0.78 23.87
C GLU A 324 -6.17 0.53 22.70
N ILE A 325 -6.60 -0.71 22.56
CA ILE A 325 -7.47 -1.09 21.47
C ILE A 325 -8.59 -1.96 22.02
N TYR A 326 -9.81 -1.66 21.61
CA TYR A 326 -10.94 -2.44 22.10
C TYR A 326 -11.87 -2.67 20.94
N LEU A 327 -11.99 -3.93 20.56
CA LEU A 327 -12.83 -4.32 19.43
C LEU A 327 -13.88 -5.29 19.97
N LEU A 328 -15.09 -4.79 20.10
CA LEU A 328 -16.18 -5.58 20.63
C LEU A 328 -17.27 -5.64 19.58
N CYS A 329 -17.12 -6.60 18.67
CA CYS A 329 -18.05 -6.78 17.59
C CYS A 329 -19.12 -7.79 17.89
N GLY A 330 -20.26 -7.62 17.23
CA GLY A 330 -21.33 -8.58 17.37
C GLY A 330 -20.89 -9.77 16.53
N SER A 331 -21.65 -10.86 16.58
CA SER A 331 -21.30 -12.04 15.82
C SER A 331 -21.55 -11.89 14.32
N GLY A 332 -20.47 -11.89 13.55
CA GLY A 332 -20.57 -11.79 12.10
C GLY A 332 -20.82 -10.42 11.49
N SER A 333 -21.08 -9.42 12.34
CA SER A 333 -21.35 -8.06 11.85
C SER A 333 -20.12 -7.31 11.38
N CYS A 334 -18.94 -7.67 11.89
CA CYS A 334 -17.71 -7.01 11.49
C CYS A 334 -17.01 -7.89 10.49
N SER A 335 -16.84 -7.37 9.28
CA SER A 335 -16.19 -8.14 8.24
C SER A 335 -15.38 -7.27 7.32
N ASP A 336 -14.37 -7.91 6.72
CA ASP A 336 -13.50 -7.27 5.77
C ASP A 336 -12.83 -5.99 6.27
N TRP A 337 -11.78 -6.18 7.07
CA TRP A 337 -11.03 -5.05 7.58
C TRP A 337 -9.60 -5.11 7.08
N THR A 338 -8.92 -3.98 7.20
CA THR A 338 -7.54 -3.85 6.80
C THR A 338 -6.92 -3.19 8.03
N TRP A 339 -5.83 -3.77 8.51
CA TRP A 339 -5.22 -3.30 9.74
C TRP A 339 -3.72 -3.25 9.54
N ASP A 340 -3.21 -2.07 9.26
CA ASP A 340 -1.79 -1.91 9.00
C ASP A 340 -1.20 -0.84 9.90
N ASP A 341 -0.09 -1.17 10.53
CA ASP A 341 0.62 -0.27 11.42
C ASP A 341 -0.24 0.39 12.48
N VAL A 342 -1.00 -0.43 13.20
CA VAL A 342 -1.81 0.10 14.29
C VAL A 342 -0.98 -0.24 15.51
N LYS A 343 -0.39 0.79 16.10
CA LYS A 343 0.46 0.61 17.26
C LYS A 343 0.10 1.63 18.32
N VAL A 344 -0.71 1.19 19.29
CA VAL A 344 -1.15 2.02 20.39
C VAL A 344 -0.48 1.53 21.65
N THR A 345 0.29 2.42 22.29
CA THR A 345 1.05 2.07 23.48
C THR A 345 0.68 2.80 24.78
N GLY A 346 1.27 2.34 25.88
CA GLY A 346 1.08 2.92 27.19
C GLY A 346 -0.15 2.59 28.00
N GLY A 347 -1.09 1.84 27.44
CA GLY A 347 -2.29 1.54 28.18
C GLY A 347 -2.55 0.08 28.46
N LYS A 348 -3.77 -0.20 28.87
CA LYS A 348 -4.18 -1.56 29.17
C LYS A 348 -4.44 -2.27 27.85
N LYS A 349 -3.97 -3.51 27.75
CA LYS A 349 -4.19 -4.29 26.55
C LYS A 349 -5.44 -5.11 26.86
N SER A 350 -6.52 -4.83 26.13
CA SER A 350 -7.78 -5.52 26.36
C SER A 350 -7.72 -7.03 26.08
N THR A 351 -8.40 -7.77 26.95
CA THR A 351 -8.51 -9.22 26.82
C THR A 351 -9.99 -9.56 26.62
N ALA A 352 -10.79 -8.52 26.37
CA ALA A 352 -12.23 -8.68 26.18
C ALA A 352 -12.69 -8.44 24.75
N CYS A 353 -11.75 -8.31 23.82
CA CYS A 353 -12.09 -8.10 22.43
C CYS A 353 -12.67 -9.36 21.83
N LYS A 354 -13.60 -9.19 20.89
CA LYS A 354 -14.18 -10.36 20.25
C LYS A 354 -14.93 -10.09 18.97
N ASN A 355 -14.99 -11.13 18.14
CA ASN A 355 -15.68 -11.13 16.86
C ASN A 355 -15.14 -10.17 15.82
N PHE A 356 -13.90 -9.74 16.00
CA PHE A 356 -13.29 -8.83 15.05
C PHE A 356 -12.50 -9.65 14.04
N PRO A 357 -12.37 -9.14 12.81
CA PRO A 357 -11.63 -9.83 11.74
C PRO A 357 -10.22 -10.12 12.23
N SER A 358 -9.73 -11.33 11.94
CA SER A 358 -8.41 -11.76 12.38
C SER A 358 -7.24 -10.90 11.96
N VAL A 359 -7.43 -10.06 10.95
CA VAL A 359 -6.38 -9.15 10.50
C VAL A 359 -6.11 -8.12 11.62
N ALA A 360 -7.15 -7.83 12.40
CA ALA A 360 -7.05 -6.86 13.49
C ALA A 360 -6.55 -7.53 14.77
N SER A 361 -6.22 -6.71 15.75
CA SER A 361 -5.74 -7.21 17.02
C SER A 361 -5.85 -6.11 18.06
N CYS A 362 -6.02 -6.53 19.31
CA CYS A 362 -6.10 -5.60 20.41
C CYS A 362 -4.73 -5.43 21.05
N ASP B 28 16.45 -7.26 -46.34
CA ASP B 28 15.74 -8.29 -47.16
C ASP B 28 15.13 -9.32 -46.24
N SER B 29 14.18 -10.08 -46.78
CA SER B 29 13.56 -11.15 -46.04
C SER B 29 14.44 -12.36 -46.36
N CYS B 30 14.98 -13.00 -45.33
CA CYS B 30 15.85 -14.13 -45.52
C CYS B 30 15.39 -15.35 -44.76
N THR B 31 15.63 -16.52 -45.35
CA THR B 31 15.29 -17.77 -44.70
C THR B 31 16.53 -18.63 -44.79
N PHE B 32 17.00 -19.06 -43.63
CA PHE B 32 18.19 -19.89 -43.56
C PHE B 32 17.85 -21.26 -43.03
N THR B 33 18.41 -22.27 -43.67
CA THR B 33 18.19 -23.65 -43.24
C THR B 33 19.47 -24.21 -42.61
N THR B 34 20.53 -23.41 -42.61
CA THR B 34 21.78 -23.84 -41.97
C THR B 34 22.31 -22.68 -41.14
N ALA B 35 23.08 -23.02 -40.12
CA ALA B 35 23.68 -22.03 -39.24
C ALA B 35 24.70 -21.20 -40.00
N ALA B 36 25.46 -21.86 -40.86
CA ALA B 36 26.49 -21.19 -41.65
C ALA B 36 25.89 -20.14 -42.59
N ALA B 37 24.77 -20.48 -43.22
CA ALA B 37 24.12 -19.54 -44.15
C ALA B 37 23.64 -18.32 -43.39
N ALA B 38 23.10 -18.55 -42.19
CA ALA B 38 22.60 -17.47 -41.35
C ALA B 38 23.74 -16.53 -40.94
N LYS B 39 24.87 -17.11 -40.53
CA LYS B 39 25.99 -16.28 -40.13
C LYS B 39 26.49 -15.44 -41.31
N ALA B 40 26.59 -16.07 -42.47
CA ALA B 40 27.07 -15.38 -43.67
C ALA B 40 26.16 -14.29 -44.21
N GLY B 41 24.86 -14.51 -44.16
CA GLY B 41 23.94 -13.53 -44.74
C GLY B 41 23.10 -12.65 -43.85
N LYS B 42 23.21 -12.82 -42.54
CA LYS B 42 22.41 -12.06 -41.58
C LYS B 42 22.35 -10.54 -41.71
N ALA B 43 23.49 -9.89 -41.95
CA ALA B 43 23.54 -8.43 -42.01
C ALA B 43 22.55 -7.76 -42.95
N LYS B 44 22.40 -8.31 -44.14
CA LYS B 44 21.51 -7.79 -45.18
C LYS B 44 20.05 -8.14 -44.91
N CYS B 45 19.78 -8.88 -43.85
CA CYS B 45 18.42 -9.30 -43.58
C CYS B 45 17.64 -8.46 -42.59
N SER B 46 16.51 -7.93 -43.05
CA SER B 46 15.63 -7.17 -42.19
C SER B 46 14.72 -8.16 -41.45
N THR B 47 14.58 -9.35 -42.03
CA THR B 47 13.81 -10.43 -41.40
C THR B 47 14.63 -11.70 -41.63
N ILE B 48 14.93 -12.40 -40.56
CA ILE B 48 15.71 -13.63 -40.62
C ILE B 48 14.84 -14.76 -40.12
N THR B 49 14.52 -15.71 -40.99
CA THR B 49 13.73 -16.85 -40.59
C THR B 49 14.70 -18.02 -40.51
N LEU B 50 14.80 -18.59 -39.32
CA LEU B 50 15.68 -19.71 -39.05
C LEU B 50 14.84 -20.96 -39.09
N ASN B 51 14.86 -21.64 -40.23
CA ASN B 51 14.05 -22.83 -40.43
C ASN B 51 14.74 -24.15 -40.16
N ASN B 52 14.29 -24.83 -39.11
CA ASN B 52 14.80 -26.15 -38.73
C ASN B 52 16.30 -26.31 -38.83
N ILE B 53 17.02 -25.36 -38.25
CA ILE B 53 18.47 -25.42 -38.32
C ILE B 53 19.04 -26.40 -37.32
N GLU B 54 19.97 -27.22 -37.78
CA GLU B 54 20.67 -28.14 -36.90
C GLU B 54 22.06 -27.52 -36.85
N VAL B 55 22.41 -26.98 -35.69
CA VAL B 55 23.69 -26.32 -35.53
C VAL B 55 24.79 -27.35 -35.40
N PRO B 56 25.84 -27.24 -36.24
CA PRO B 56 26.97 -28.17 -36.23
C PRO B 56 27.60 -28.33 -34.85
N ALA B 57 28.08 -29.54 -34.56
CA ALA B 57 28.70 -29.85 -33.28
C ALA B 57 29.77 -28.84 -32.89
N GLY B 58 29.72 -28.39 -31.64
CA GLY B 58 30.71 -27.45 -31.14
C GLY B 58 30.72 -26.07 -31.75
N THR B 59 29.66 -25.71 -32.45
CA THR B 59 29.59 -24.41 -33.07
C THR B 59 28.40 -23.60 -32.58
N THR B 60 28.56 -22.30 -32.68
CA THR B 60 27.53 -21.37 -32.25
C THR B 60 26.67 -20.95 -33.43
N LEU B 61 25.35 -20.90 -33.22
CA LEU B 61 24.45 -20.38 -34.24
C LEU B 61 24.71 -18.89 -34.01
N ASP B 62 25.59 -18.35 -34.85
CA ASP B 62 26.03 -16.98 -34.72
C ASP B 62 25.15 -15.91 -35.33
N LEU B 63 24.33 -15.31 -34.47
CA LEU B 63 23.43 -14.23 -34.87
C LEU B 63 23.87 -12.92 -34.20
N THR B 64 25.17 -12.79 -33.97
CA THR B 64 25.70 -11.56 -33.40
C THR B 64 25.79 -10.52 -34.52
N GLY B 65 25.88 -9.26 -34.12
CA GLY B 65 26.01 -8.18 -35.09
C GLY B 65 24.85 -8.02 -36.06
N LEU B 66 23.63 -8.21 -35.57
CA LEU B 66 22.47 -8.06 -36.44
C LEU B 66 22.26 -6.59 -36.72
N THR B 67 21.74 -6.30 -37.91
CA THR B 67 21.46 -4.93 -38.28
C THR B 67 20.29 -4.45 -37.43
N SER B 68 20.35 -3.22 -36.98
CA SER B 68 19.28 -2.67 -36.16
C SER B 68 17.92 -2.87 -36.84
N GLY B 69 16.92 -3.25 -36.05
CA GLY B 69 15.58 -3.43 -36.57
C GLY B 69 15.27 -4.81 -37.13
N THR B 70 16.26 -5.69 -37.14
CA THR B 70 16.08 -7.03 -37.70
C THR B 70 15.11 -7.85 -36.87
N LYS B 71 14.23 -8.56 -37.57
CA LYS B 71 13.26 -9.43 -36.94
C LYS B 71 13.83 -10.82 -37.15
N VAL B 72 13.94 -11.59 -36.07
CA VAL B 72 14.45 -12.95 -36.16
C VAL B 72 13.31 -13.86 -35.75
N ILE B 73 13.01 -14.84 -36.61
CA ILE B 73 11.93 -15.78 -36.34
C ILE B 73 12.44 -17.21 -36.37
N PHE B 74 12.28 -17.93 -35.26
CA PHE B 74 12.69 -19.32 -35.21
C PHE B 74 11.53 -20.14 -35.74
N GLU B 75 11.80 -20.98 -36.74
CA GLU B 75 10.77 -21.83 -37.33
C GLU B 75 11.16 -23.29 -37.18
N GLY B 76 10.15 -24.15 -37.09
CA GLY B 76 10.39 -25.56 -36.95
C GLY B 76 11.17 -25.87 -35.69
N THR B 77 12.03 -26.87 -35.78
CA THR B 77 12.81 -27.30 -34.64
C THR B 77 14.28 -27.02 -34.84
N THR B 78 14.86 -26.29 -33.90
CA THR B 78 16.28 -25.96 -33.92
C THR B 78 16.96 -26.98 -33.04
N THR B 79 17.99 -27.63 -33.59
CA THR B 79 18.72 -28.63 -32.84
C THR B 79 20.20 -28.33 -32.88
N PHE B 80 20.96 -29.08 -32.11
CA PHE B 80 22.40 -28.88 -32.00
C PHE B 80 23.05 -30.24 -31.95
N GLN B 81 24.11 -30.41 -32.73
CA GLN B 81 24.82 -31.66 -32.71
C GLN B 81 25.61 -31.70 -31.41
N TYR B 82 25.89 -32.90 -30.95
CA TYR B 82 26.60 -33.10 -29.70
C TYR B 82 28.09 -32.88 -29.73
N GLU B 83 28.57 -32.19 -28.69
CA GLU B 83 29.97 -31.94 -28.46
C GLU B 83 30.09 -31.36 -27.08
N GLU B 84 31.12 -31.78 -26.36
CA GLU B 84 31.35 -31.27 -25.03
C GLU B 84 32.21 -30.01 -25.17
N TRP B 85 31.55 -28.87 -25.04
CA TRP B 85 32.23 -27.58 -25.15
C TRP B 85 31.48 -26.55 -24.32
N ALA B 86 32.01 -25.34 -24.25
CA ALA B 86 31.42 -24.29 -23.44
C ALA B 86 30.27 -23.49 -24.02
N GLY B 87 30.03 -23.63 -25.32
CA GLY B 87 28.98 -22.85 -25.94
C GLY B 87 29.51 -21.45 -26.26
N PRO B 88 28.62 -20.50 -26.55
CA PRO B 88 27.16 -20.65 -26.58
C PRO B 88 26.62 -21.39 -27.81
N LEU B 89 25.48 -22.05 -27.63
CA LEU B 89 24.84 -22.74 -28.73
C LEU B 89 24.27 -21.68 -29.68
N ILE B 90 23.81 -20.56 -29.11
CA ILE B 90 23.28 -19.47 -29.91
C ILE B 90 23.76 -18.16 -29.31
N SER B 91 24.20 -17.25 -30.16
CA SER B 91 24.63 -15.96 -29.64
C SER B 91 23.97 -14.90 -30.50
N MET B 92 23.41 -13.89 -29.86
CA MET B 92 22.76 -12.85 -30.64
C MET B 92 23.05 -11.49 -30.06
N SER B 93 23.26 -10.53 -30.95
CA SER B 93 23.52 -9.16 -30.53
C SER B 93 23.06 -8.25 -31.63
N GLY B 94 22.82 -7.00 -31.26
CA GLY B 94 22.34 -6.00 -32.19
C GLY B 94 21.38 -5.16 -31.41
N GLU B 95 20.90 -4.09 -32.02
CA GLU B 95 19.98 -3.19 -31.36
C GLU B 95 18.64 -3.24 -32.06
N HIS B 96 17.56 -3.07 -31.30
CA HIS B 96 16.20 -3.05 -31.88
C HIS B 96 15.87 -4.33 -32.62
N ILE B 97 16.24 -5.45 -32.02
CA ILE B 97 15.99 -6.75 -32.62
C ILE B 97 14.70 -7.31 -32.05
N THR B 98 13.88 -7.90 -32.91
CA THR B 98 12.63 -8.51 -32.48
C THR B 98 12.72 -9.99 -32.78
N VAL B 99 12.88 -10.79 -31.74
CA VAL B 99 12.99 -12.24 -31.88
C VAL B 99 11.68 -12.91 -31.49
N THR B 100 11.22 -13.81 -32.36
CA THR B 100 9.98 -14.53 -32.13
C THR B 100 10.15 -15.96 -32.62
N GLY B 101 9.11 -16.76 -32.40
CA GLY B 101 9.11 -18.14 -32.85
C GLY B 101 7.79 -18.40 -33.55
N ALA B 102 7.84 -19.13 -34.66
CA ALA B 102 6.65 -19.47 -35.41
C ALA B 102 5.82 -20.43 -34.59
N SER B 103 4.55 -20.61 -34.97
CA SER B 103 3.71 -21.53 -34.22
C SER B 103 4.31 -22.94 -34.34
N GLY B 104 4.37 -23.63 -33.21
CA GLY B 104 4.90 -24.98 -33.18
C GLY B 104 6.42 -25.08 -33.19
N HIS B 105 7.12 -23.95 -33.20
CA HIS B 105 8.57 -24.00 -33.21
C HIS B 105 9.07 -24.56 -31.88
N LEU B 106 10.30 -25.04 -31.90
CA LEU B 106 10.92 -25.58 -30.71
C LEU B 106 12.43 -25.49 -30.89
N ILE B 107 13.11 -25.05 -29.85
CA ILE B 107 14.57 -25.01 -29.88
C ILE B 107 14.88 -26.12 -28.89
N ASN B 108 15.15 -27.30 -29.44
CA ASN B 108 15.41 -28.47 -28.63
C ASN B 108 16.90 -28.73 -28.51
N CYS B 109 17.45 -28.50 -27.32
CA CYS B 109 18.87 -28.68 -27.10
C CYS B 109 19.25 -30.10 -26.73
N ASP B 110 18.25 -30.91 -26.36
CA ASP B 110 18.45 -32.29 -25.94
C ASP B 110 19.66 -32.36 -24.99
N GLY B 111 19.55 -31.60 -23.91
CA GLY B 111 20.62 -31.51 -22.93
C GLY B 111 20.99 -32.79 -22.21
N ALA B 112 20.11 -33.77 -22.21
CA ALA B 112 20.39 -35.06 -21.55
C ALA B 112 21.66 -35.70 -22.09
N ARG B 113 22.05 -35.32 -23.31
CA ARG B 113 23.27 -35.86 -23.90
C ARG B 113 24.49 -35.42 -23.09
N TRP B 114 24.36 -34.26 -22.44
CA TRP B 114 25.42 -33.70 -21.61
C TRP B 114 25.20 -33.94 -20.12
N TRP B 115 23.96 -33.79 -19.65
CA TRP B 115 23.66 -33.94 -18.22
C TRP B 115 24.30 -35.17 -17.62
N ASP B 116 25.04 -34.95 -16.54
CA ASP B 116 25.75 -36.03 -15.88
C ASP B 116 25.69 -35.82 -14.37
N GLY B 117 24.76 -34.97 -13.94
CA GLY B 117 24.57 -34.66 -12.54
C GLY B 117 25.63 -33.73 -11.96
N LYS B 118 26.51 -33.22 -12.82
CA LYS B 118 27.59 -32.36 -12.37
C LYS B 118 27.53 -30.91 -12.84
N GLY B 119 26.62 -30.62 -13.77
CA GLY B 119 26.44 -29.27 -14.26
C GLY B 119 27.68 -28.55 -14.79
N THR B 120 28.19 -27.60 -14.02
CA THR B 120 29.37 -26.84 -14.43
C THR B 120 30.67 -27.66 -14.34
N SER B 121 30.56 -28.84 -13.71
CA SER B 121 31.69 -29.76 -13.61
C SER B 121 31.35 -31.00 -14.44
N GLY B 122 32.27 -31.96 -14.48
CA GLY B 122 32.04 -33.16 -15.27
C GLY B 122 32.20 -32.83 -16.73
N LYS B 123 31.32 -33.35 -17.58
CA LYS B 123 31.38 -33.05 -19.00
C LYS B 123 31.29 -31.55 -19.24
N LYS B 124 32.00 -31.06 -20.25
CA LYS B 124 31.92 -29.66 -20.60
C LYS B 124 30.55 -29.53 -21.28
N LYS B 125 29.73 -28.61 -20.76
CA LYS B 125 28.39 -28.42 -21.29
C LYS B 125 28.23 -27.00 -21.79
N PRO B 126 27.70 -26.84 -23.01
CA PRO B 126 27.54 -25.51 -23.58
C PRO B 126 26.39 -24.66 -23.06
N LYS B 127 26.69 -23.41 -22.76
CA LYS B 127 25.64 -22.50 -22.33
C LYS B 127 24.78 -22.33 -23.57
N PHE B 128 23.50 -22.09 -23.36
CA PHE B 128 22.58 -22.01 -24.46
C PHE B 128 22.53 -20.75 -25.32
N PHE B 129 22.05 -19.67 -24.74
CA PHE B 129 21.84 -18.45 -25.49
C PHE B 129 22.51 -17.23 -24.88
N TYR B 130 23.43 -16.63 -25.62
CA TYR B 130 24.10 -15.43 -25.16
C TYR B 130 23.36 -14.23 -25.73
N ALA B 131 22.68 -13.49 -24.86
CA ALA B 131 21.97 -12.28 -25.25
C ALA B 131 22.89 -11.17 -24.73
N HIS B 132 24.06 -11.06 -25.35
CA HIS B 132 25.07 -10.09 -24.95
C HIS B 132 25.10 -8.97 -25.98
N GLY B 133 24.68 -7.78 -25.56
CA GLY B 133 24.66 -6.67 -26.49
C GLY B 133 23.44 -6.76 -27.38
N LEU B 134 22.42 -7.47 -26.93
CA LEU B 134 21.16 -7.60 -27.67
C LEU B 134 20.33 -6.51 -26.97
N ASP B 135 20.63 -5.28 -27.33
CA ASP B 135 20.03 -4.09 -26.73
C ASP B 135 18.75 -3.60 -27.35
N SER B 136 17.89 -3.01 -26.52
CA SER B 136 16.60 -2.48 -26.95
C SER B 136 15.95 -3.49 -27.88
N SER B 137 15.99 -4.75 -27.44
CA SER B 137 15.48 -5.87 -28.20
C SER B 137 14.50 -6.69 -27.37
N SER B 138 13.73 -7.52 -28.06
CA SER B 138 12.77 -8.38 -27.38
C SER B 138 12.86 -9.79 -27.92
N ILE B 139 12.62 -10.74 -27.03
CA ILE B 139 12.63 -12.15 -27.37
C ILE B 139 11.28 -12.58 -26.83
N THR B 140 10.40 -13.03 -27.72
CA THR B 140 9.04 -13.39 -27.34
C THR B 140 8.59 -14.76 -27.79
N GLY B 141 7.96 -15.47 -26.86
CA GLY B 141 7.39 -16.76 -27.15
C GLY B 141 8.29 -17.92 -27.51
N LEU B 142 9.60 -17.77 -27.31
CA LEU B 142 10.51 -18.87 -27.62
C LEU B 142 10.24 -20.09 -26.76
N ASN B 143 10.25 -21.26 -27.39
CA ASN B 143 10.02 -22.53 -26.70
C ASN B 143 11.36 -23.24 -26.70
N ILE B 144 11.96 -23.32 -25.52
CA ILE B 144 13.26 -23.95 -25.35
C ILE B 144 13.09 -25.25 -24.59
N LYS B 145 13.83 -26.28 -24.98
CA LYS B 145 13.72 -27.54 -24.30
C LYS B 145 15.06 -28.17 -24.02
N ASN B 146 15.24 -28.56 -22.76
CA ASN B 146 16.42 -29.26 -22.29
C ASN B 146 17.78 -28.67 -22.60
N THR B 147 18.04 -27.49 -22.05
CA THR B 147 19.35 -26.87 -22.24
C THR B 147 20.37 -27.70 -21.46
N PRO B 148 21.54 -27.95 -22.05
CA PRO B 148 22.55 -28.74 -21.34
C PRO B 148 23.06 -28.07 -20.06
N LEU B 149 23.03 -26.74 -20.05
CA LEU B 149 23.49 -25.97 -18.89
C LEU B 149 22.57 -24.74 -18.78
N MET B 150 23.12 -23.55 -18.56
CA MET B 150 22.25 -22.39 -18.45
C MET B 150 21.54 -22.08 -19.74
N ALA B 151 20.40 -21.44 -19.62
CA ALA B 151 19.61 -21.10 -20.78
C ALA B 151 20.03 -19.73 -21.30
N PHE B 152 19.48 -18.66 -20.73
CA PHE B 152 19.80 -17.32 -21.19
C PHE B 152 20.81 -16.57 -20.36
N SER B 153 21.89 -16.14 -21.02
CA SER B 153 22.90 -15.34 -20.36
C SER B 153 22.57 -13.95 -20.87
N VAL B 154 22.14 -13.09 -19.96
CA VAL B 154 21.74 -11.75 -20.30
C VAL B 154 22.78 -10.72 -19.88
N GLN B 155 23.31 -10.00 -20.86
CA GLN B 155 24.29 -8.94 -20.63
C GLN B 155 23.90 -7.94 -21.70
N ALA B 156 22.76 -7.30 -21.47
CA ALA B 156 22.24 -6.36 -22.43
C ALA B 156 21.45 -5.26 -21.76
N ASN B 157 21.15 -4.22 -22.52
CA ASN B 157 20.41 -3.10 -22.01
C ASN B 157 19.07 -3.03 -22.71
N ASP B 158 18.04 -2.71 -21.95
CA ASP B 158 16.69 -2.58 -22.48
C ASP B 158 16.29 -3.84 -23.26
N ILE B 159 16.42 -4.99 -22.61
CA ILE B 159 16.08 -6.25 -23.25
C ILE B 159 14.85 -6.84 -22.57
N THR B 160 13.96 -7.40 -23.39
CA THR B 160 12.71 -7.98 -22.88
C THR B 160 12.53 -9.41 -23.36
N PHE B 161 12.16 -10.29 -22.44
CA PHE B 161 11.91 -11.71 -22.69
C PHE B 161 10.48 -11.88 -22.27
N THR B 162 9.60 -12.15 -23.22
CA THR B 162 8.19 -12.31 -22.92
C THR B 162 7.68 -13.67 -23.35
N ASP B 163 6.92 -14.31 -22.48
CA ASP B 163 6.34 -15.60 -22.77
C ASP B 163 7.36 -16.63 -23.22
N VAL B 164 8.55 -16.57 -22.63
CA VAL B 164 9.59 -17.53 -22.96
C VAL B 164 9.42 -18.75 -22.09
N THR B 165 9.42 -19.93 -22.72
CA THR B 165 9.27 -21.18 -21.99
C THR B 165 10.57 -21.96 -22.07
N ILE B 166 11.09 -22.32 -20.91
CA ILE B 166 12.32 -23.10 -20.82
C ILE B 166 11.94 -24.39 -20.11
N ASN B 167 11.79 -25.43 -20.93
CA ASN B 167 11.39 -26.72 -20.41
C ASN B 167 12.56 -27.66 -20.23
N ASN B 168 13.08 -27.71 -19.01
CA ASN B 168 14.17 -28.61 -18.66
C ASN B 168 13.67 -29.67 -17.69
N ALA B 169 12.37 -29.96 -17.76
CA ALA B 169 11.76 -30.94 -16.86
C ALA B 169 12.51 -32.26 -16.81
N ASP B 170 12.98 -32.72 -17.97
CA ASP B 170 13.71 -33.99 -18.04
C ASP B 170 14.97 -33.96 -17.20
N GLY B 171 15.53 -32.77 -16.99
CA GLY B 171 16.73 -32.63 -16.20
C GLY B 171 16.57 -33.08 -14.76
N ASP B 172 15.34 -33.12 -14.28
CA ASP B 172 15.07 -33.53 -12.90
C ASP B 172 15.51 -34.96 -12.65
N THR B 173 15.34 -35.80 -13.66
CA THR B 173 15.67 -37.21 -13.54
C THR B 173 16.83 -37.66 -14.40
N GLN B 174 17.31 -36.79 -15.27
CA GLN B 174 18.43 -37.16 -16.12
C GLN B 174 19.73 -36.46 -15.82
N GLY B 175 19.85 -35.93 -14.60
CA GLY B 175 21.08 -35.29 -14.17
C GLY B 175 21.31 -33.83 -14.51
N GLY B 176 20.24 -33.09 -14.75
CA GLY B 176 20.41 -31.69 -15.07
C GLY B 176 20.81 -30.91 -13.83
N HIS B 177 21.76 -29.99 -14.00
CA HIS B 177 22.23 -29.16 -12.90
C HIS B 177 22.79 -27.89 -13.46
N ASN B 178 22.69 -26.80 -12.70
CA ASN B 178 23.19 -25.50 -13.13
C ASN B 178 22.53 -25.10 -14.44
N THR B 179 21.27 -25.46 -14.58
CA THR B 179 20.51 -25.15 -15.78
C THR B 179 19.69 -23.87 -15.57
N ASP B 180 20.35 -22.84 -15.05
CA ASP B 180 19.75 -21.54 -14.77
C ASP B 180 18.93 -21.09 -15.96
N ALA B 181 17.76 -20.50 -15.71
CA ALA B 181 16.91 -20.02 -16.79
C ALA B 181 17.38 -18.66 -17.32
N PHE B 182 17.49 -17.70 -16.42
CA PHE B 182 17.93 -16.37 -16.78
C PHE B 182 19.03 -15.90 -15.85
N ASP B 183 20.24 -15.73 -16.40
CA ASP B 183 21.37 -15.22 -15.64
C ASP B 183 21.58 -13.81 -16.13
N VAL B 184 21.48 -12.86 -15.21
CA VAL B 184 21.61 -11.46 -15.54
C VAL B 184 22.83 -10.83 -14.91
N GLY B 185 23.61 -10.16 -15.75
CA GLY B 185 24.80 -9.48 -15.28
C GLY B 185 25.10 -8.36 -16.26
N ASN B 186 25.67 -7.27 -15.76
CA ASN B 186 26.04 -6.14 -16.59
C ASN B 186 24.95 -5.75 -17.57
N SER B 187 23.74 -5.60 -17.04
CA SER B 187 22.58 -5.26 -17.83
C SER B 187 21.82 -4.15 -17.13
N VAL B 188 21.26 -3.24 -17.92
CA VAL B 188 20.47 -2.15 -17.39
C VAL B 188 19.17 -2.17 -18.18
N GLY B 189 18.07 -2.48 -17.51
CA GLY B 189 16.79 -2.54 -18.20
C GLY B 189 16.55 -3.94 -18.74
N VAL B 190 16.11 -4.83 -17.87
CA VAL B 190 15.83 -6.20 -18.27
C VAL B 190 14.41 -6.51 -17.84
N ASN B 191 13.59 -6.96 -18.78
CA ASN B 191 12.21 -7.29 -18.47
C ASN B 191 11.98 -8.73 -18.84
N ILE B 192 11.55 -9.52 -17.87
CA ILE B 192 11.27 -10.93 -18.09
C ILE B 192 9.82 -11.07 -17.67
N ILE B 193 8.97 -11.17 -18.67
CA ILE B 193 7.53 -11.22 -18.51
C ILE B 193 6.95 -12.59 -18.82
N LYS B 194 6.22 -13.11 -17.84
CA LYS B 194 5.59 -14.41 -17.94
C LYS B 194 6.46 -15.57 -18.42
N PRO B 195 7.68 -15.68 -17.88
CA PRO B 195 8.52 -16.80 -18.32
C PRO B 195 7.93 -18.05 -17.68
N TRP B 196 8.20 -19.19 -18.28
CA TRP B 196 7.73 -20.45 -17.72
C TRP B 196 9.01 -21.26 -17.72
N VAL B 197 9.40 -21.71 -16.52
CA VAL B 197 10.64 -22.43 -16.36
C VAL B 197 10.52 -23.67 -15.50
N HIS B 198 11.10 -24.76 -15.99
CA HIS B 198 11.17 -25.97 -15.21
C HIS B 198 12.62 -26.34 -15.39
N ASN B 199 13.42 -26.16 -14.35
CA ASN B 199 14.85 -26.43 -14.48
C ASN B 199 15.44 -26.96 -13.19
N GLN B 200 16.77 -26.89 -13.10
CA GLN B 200 17.48 -27.41 -11.94
C GLN B 200 18.40 -26.41 -11.25
N ASP B 201 18.18 -25.13 -11.50
CA ASP B 201 18.96 -24.10 -10.82
C ASP B 201 18.10 -22.84 -10.81
N ASP B 202 18.71 -21.69 -10.53
CA ASP B 202 17.97 -20.44 -10.48
C ASP B 202 17.03 -20.22 -11.64
N CYS B 203 15.82 -19.80 -11.30
CA CYS B 203 14.83 -19.45 -12.28
C CYS B 203 15.30 -18.09 -12.81
N LEU B 204 15.76 -17.27 -11.89
CA LEU B 204 16.34 -15.97 -12.19
C LEU B 204 17.55 -15.85 -11.27
N ALA B 205 18.67 -15.38 -11.81
CA ALA B 205 19.87 -15.16 -11.02
C ALA B 205 20.42 -13.83 -11.47
N VAL B 206 20.29 -12.82 -10.62
CA VAL B 206 20.81 -11.50 -10.95
C VAL B 206 22.14 -11.32 -10.25
N ASN B 207 23.21 -11.41 -11.03
CA ASN B 207 24.55 -11.26 -10.49
C ASN B 207 24.94 -9.79 -10.41
N SER B 208 24.37 -9.00 -11.31
CA SER B 208 24.62 -7.58 -11.33
C SER B 208 23.68 -6.97 -12.34
N GLY B 209 23.40 -5.69 -12.18
CA GLY B 209 22.52 -5.05 -13.12
C GLY B 209 21.58 -4.10 -12.44
N GLU B 210 20.86 -3.34 -13.26
CA GLU B 210 19.92 -2.38 -12.74
C GLU B 210 18.64 -2.42 -13.54
N ASN B 211 17.55 -2.07 -12.88
CA ASN B 211 16.23 -1.98 -13.50
C ASN B 211 15.85 -3.30 -14.14
N ILE B 212 15.79 -4.33 -13.32
CA ILE B 212 15.43 -5.67 -13.74
C ILE B 212 14.02 -5.92 -13.23
N TRP B 213 13.16 -6.37 -14.13
CA TRP B 213 11.78 -6.63 -13.79
C TRP B 213 11.44 -8.04 -14.22
N PHE B 214 10.97 -8.85 -13.28
CA PHE B 214 10.60 -10.23 -13.54
C PHE B 214 9.18 -10.34 -13.02
N THR B 215 8.22 -10.65 -13.90
CA THR B 215 6.83 -10.73 -13.48
C THR B 215 6.09 -11.90 -14.13
N GLY B 216 5.11 -12.43 -13.41
CA GLY B 216 4.28 -13.51 -13.92
C GLY B 216 5.02 -14.80 -14.24
N GLY B 217 6.10 -15.05 -13.52
CA GLY B 217 6.87 -16.25 -13.82
C GLY B 217 6.38 -17.51 -13.14
N THR B 218 6.61 -18.63 -13.80
CA THR B 218 6.29 -19.94 -13.24
C THR B 218 7.67 -20.56 -13.14
N CYS B 219 8.11 -20.77 -11.90
CA CYS B 219 9.44 -21.35 -11.66
C CYS B 219 9.28 -22.68 -11.01
N ILE B 220 9.65 -23.73 -11.73
CA ILE B 220 9.51 -25.09 -11.23
C ILE B 220 10.84 -25.80 -11.20
N GLY B 221 11.03 -26.60 -10.16
CA GLY B 221 12.23 -27.42 -10.00
C GLY B 221 13.59 -26.84 -9.71
N GLY B 222 13.74 -25.54 -9.91
CA GLY B 222 15.04 -24.91 -9.74
C GLY B 222 15.42 -24.44 -8.37
N HIS B 223 16.20 -23.36 -8.33
CA HIS B 223 16.67 -22.80 -7.07
C HIS B 223 16.02 -21.50 -6.70
N GLY B 224 14.98 -21.11 -7.42
CA GLY B 224 14.27 -19.91 -7.07
C GLY B 224 14.61 -18.63 -7.81
N LEU B 225 14.13 -17.53 -7.23
CA LEU B 225 14.31 -16.20 -7.77
C LEU B 225 15.39 -15.56 -6.93
N SER B 226 16.60 -15.58 -7.48
CA SER B 226 17.77 -15.12 -6.76
C SER B 226 18.50 -13.88 -7.20
N ILE B 227 19.01 -13.18 -6.20
CA ILE B 227 19.84 -12.01 -6.40
C ILE B 227 21.18 -12.56 -5.90
N GLY B 228 22.14 -12.59 -6.81
CA GLY B 228 23.43 -13.11 -6.47
C GLY B 228 23.73 -14.41 -7.21
N SER B 229 24.85 -15.05 -6.86
CA SER B 229 25.75 -14.53 -5.84
C SER B 229 26.38 -13.18 -6.22
N VAL B 230 26.13 -12.18 -5.37
CA VAL B 230 26.66 -10.85 -5.58
C VAL B 230 28.04 -10.77 -4.95
N GLY B 231 29.04 -10.46 -5.78
CA GLY B 231 30.41 -10.34 -5.29
C GLY B 231 31.46 -11.03 -6.14
N ASP B 232 32.70 -10.55 -6.00
CA ASP B 232 33.88 -11.10 -6.69
C ASP B 232 33.94 -10.91 -8.21
N ARG B 233 32.95 -10.27 -8.79
CA ARG B 233 32.94 -10.05 -10.23
C ARG B 233 33.32 -8.60 -10.53
N SER B 234 33.48 -8.29 -11.82
CA SER B 234 33.85 -6.93 -12.23
C SER B 234 32.73 -5.97 -11.83
N ASN B 235 31.52 -6.49 -11.77
CA ASN B 235 30.35 -5.71 -11.40
C ASN B 235 29.67 -6.37 -10.20
N ASN B 236 29.63 -5.65 -9.08
CA ASN B 236 29.00 -6.15 -7.86
C ASN B 236 27.91 -5.21 -7.39
N VAL B 237 27.20 -4.61 -8.34
CA VAL B 237 26.11 -3.70 -8.03
C VAL B 237 24.83 -4.26 -8.63
N VAL B 238 23.83 -4.44 -7.78
CA VAL B 238 22.52 -4.90 -8.20
C VAL B 238 21.61 -3.82 -7.67
N LYS B 239 20.88 -3.17 -8.55
CA LYS B 239 20.02 -2.08 -8.11
C LYS B 239 18.72 -2.07 -8.85
N ASN B 240 17.64 -1.98 -8.09
CA ASN B 240 16.31 -1.90 -8.64
C ASN B 240 15.88 -3.14 -9.41
N VAL B 241 15.55 -4.17 -8.65
CA VAL B 241 15.09 -5.42 -9.22
C VAL B 241 13.74 -5.67 -8.59
N THR B 242 12.75 -5.90 -9.44
CA THR B 242 11.40 -6.16 -8.98
C THR B 242 11.00 -7.52 -9.52
N ILE B 243 10.72 -8.44 -8.61
CA ILE B 243 10.34 -9.81 -8.95
C ILE B 243 8.97 -9.95 -8.33
N GLU B 244 7.97 -10.16 -9.17
CA GLU B 244 6.60 -10.22 -8.68
C GLU B 244 5.67 -11.14 -9.45
N HIS B 245 4.51 -11.38 -8.85
CA HIS B 245 3.47 -12.22 -9.43
C HIS B 245 4.03 -13.47 -10.02
N SER B 246 4.91 -14.10 -9.25
CA SER B 246 5.57 -15.30 -9.68
C SER B 246 5.33 -16.42 -8.69
N THR B 247 5.26 -17.63 -9.21
CA THR B 247 4.98 -18.79 -8.39
C THR B 247 6.14 -19.75 -8.52
N VAL B 248 6.68 -20.15 -7.39
CA VAL B 248 7.80 -21.07 -7.35
C VAL B 248 7.31 -22.39 -6.78
N SER B 249 7.58 -23.46 -7.51
CA SER B 249 7.17 -24.79 -7.12
C SER B 249 8.32 -25.77 -7.13
N ASN B 250 8.34 -26.67 -6.15
CA ASN B 250 9.36 -27.73 -6.09
C ASN B 250 10.74 -27.20 -6.40
N SER B 251 11.14 -26.20 -5.65
CA SER B 251 12.43 -25.58 -5.85
C SER B 251 13.17 -25.56 -4.53
N GLU B 252 14.47 -25.33 -4.61
CA GLU B 252 15.31 -25.28 -3.44
C GLU B 252 14.97 -24.06 -2.59
N ASN B 253 14.74 -22.95 -3.25
CA ASN B 253 14.39 -21.69 -2.59
C ASN B 253 13.33 -21.00 -3.42
N ALA B 254 12.64 -20.03 -2.81
CA ALA B 254 11.66 -19.24 -3.53
C ALA B 254 12.28 -17.85 -3.69
N VAL B 255 12.49 -17.18 -2.57
CA VAL B 255 13.07 -15.83 -2.58
C VAL B 255 14.47 -15.93 -2.00
N ARG B 256 15.46 -15.43 -2.74
CA ARG B 256 16.82 -15.54 -2.26
C ARG B 256 17.75 -14.42 -2.68
N ILE B 257 18.52 -13.94 -1.72
CA ILE B 257 19.51 -12.91 -1.94
C ILE B 257 20.74 -13.46 -1.25
N LYS B 258 21.79 -13.69 -2.01
CA LYS B 258 23.00 -14.22 -1.43
C LYS B 258 24.20 -13.39 -1.86
N THR B 259 24.98 -12.99 -0.86
CA THR B 259 26.17 -12.22 -1.16
C THR B 259 27.37 -13.00 -0.66
N ILE B 260 28.47 -12.84 -1.38
CA ILE B 260 29.72 -13.53 -1.11
C ILE B 260 30.49 -12.99 0.08
N SER B 261 30.94 -13.93 0.91
CA SER B 261 31.74 -13.63 2.08
C SER B 261 32.98 -12.86 1.63
N GLY B 262 33.19 -11.69 2.22
CA GLY B 262 34.35 -10.89 1.88
C GLY B 262 34.18 -10.00 0.66
N ALA B 263 33.07 -10.15 -0.06
CA ALA B 263 32.85 -9.33 -1.24
C ALA B 263 32.39 -7.93 -0.83
N THR B 264 32.57 -6.99 -1.72
CA THR B 264 32.10 -5.63 -1.46
C THR B 264 31.16 -5.33 -2.62
N GLY B 265 30.20 -4.46 -2.37
CA GLY B 265 29.25 -4.14 -3.41
C GLY B 265 27.98 -3.62 -2.81
N SER B 266 26.93 -3.67 -3.61
CA SER B 266 25.67 -3.13 -3.14
C SER B 266 24.50 -3.74 -3.85
N VAL B 267 23.53 -4.21 -3.07
CA VAL B 267 22.29 -4.69 -3.66
C VAL B 267 21.26 -3.82 -2.98
N SER B 268 20.48 -3.14 -3.81
CA SER B 268 19.48 -2.22 -3.30
C SER B 268 18.25 -2.19 -4.18
N GLU B 269 17.15 -1.72 -3.61
CA GLU B 269 15.88 -1.57 -4.31
C GLU B 269 15.42 -2.90 -4.91
N ILE B 270 15.38 -3.91 -4.06
CA ILE B 270 14.95 -5.23 -4.45
C ILE B 270 13.55 -5.41 -3.91
N THR B 271 12.62 -5.78 -4.78
CA THR B 271 11.24 -5.96 -4.35
C THR B 271 10.74 -7.32 -4.80
N TYR B 272 10.28 -8.11 -3.84
CA TYR B 272 9.67 -9.41 -4.15
C TYR B 272 8.24 -9.15 -3.73
N SER B 273 7.33 -9.20 -4.69
CA SER B 273 5.92 -8.92 -4.43
C SER B 273 5.02 -9.98 -5.04
N ASN B 274 4.08 -10.47 -4.24
CA ASN B 274 3.14 -11.47 -4.69
C ASN B 274 3.83 -12.70 -5.23
N ILE B 275 4.63 -13.30 -4.36
CA ILE B 275 5.35 -14.51 -4.68
C ILE B 275 4.67 -15.61 -3.89
N VAL B 276 4.27 -16.67 -4.58
CA VAL B 276 3.63 -17.80 -3.94
C VAL B 276 4.58 -18.98 -4.13
N MET B 277 4.78 -19.75 -3.07
CA MET B 277 5.69 -20.89 -3.14
C MET B 277 5.08 -22.12 -2.53
N SER B 278 5.60 -23.27 -2.95
CA SER B 278 5.19 -24.58 -2.44
C SER B 278 6.23 -25.59 -2.89
N GLY B 279 6.36 -26.66 -2.13
CA GLY B 279 7.32 -27.69 -2.45
C GLY B 279 8.74 -27.17 -2.39
N ILE B 280 8.98 -26.19 -1.52
CA ILE B 280 10.30 -25.60 -1.37
C ILE B 280 11.14 -26.48 -0.44
N SER B 281 12.28 -26.95 -0.94
CA SER B 281 13.11 -27.87 -0.16
C SER B 281 14.07 -27.29 0.86
N ASP B 282 14.57 -26.08 0.63
CA ASP B 282 15.55 -25.50 1.54
C ASP B 282 15.13 -24.24 2.26
N TYR B 283 14.83 -23.19 1.52
CA TYR B 283 14.43 -21.93 2.13
C TYR B 283 13.33 -21.23 1.38
N GLY B 284 12.27 -20.86 2.10
CA GLY B 284 11.20 -20.11 1.44
C GLY B 284 11.79 -18.76 1.08
N VAL B 285 12.34 -18.08 2.08
CA VAL B 285 12.97 -16.78 1.90
C VAL B 285 14.33 -16.87 2.57
N VAL B 286 15.38 -16.51 1.85
CA VAL B 286 16.72 -16.54 2.41
C VAL B 286 17.52 -15.37 1.90
N ILE B 287 18.08 -14.62 2.84
CA ILE B 287 18.92 -13.48 2.51
C ILE B 287 20.13 -13.72 3.40
N GLN B 288 21.26 -14.09 2.80
CA GLN B 288 22.44 -14.34 3.61
C GLN B 288 23.70 -13.79 2.96
N GLN B 289 24.67 -13.44 3.79
CA GLN B 289 25.89 -12.81 3.30
C GLN B 289 27.13 -13.56 3.73
N ASP B 290 27.03 -14.89 3.78
CA ASP B 290 28.15 -15.70 4.23
C ASP B 290 28.61 -16.76 3.22
N TYR B 291 28.38 -16.50 1.93
CA TYR B 291 28.78 -17.45 0.89
C TYR B 291 30.25 -17.42 0.52
N GLU B 292 30.94 -18.52 0.82
CA GLU B 292 32.36 -18.64 0.51
C GLU B 292 32.62 -19.93 -0.24
N ASP B 293 33.10 -19.81 -1.48
CA ASP B 293 33.39 -20.95 -2.34
C ASP B 293 32.13 -21.76 -2.64
N GLY B 294 31.00 -21.06 -2.73
CA GLY B 294 29.72 -21.70 -3.01
C GLY B 294 29.00 -22.34 -1.83
N LYS B 295 29.52 -22.15 -0.62
CA LYS B 295 28.92 -22.73 0.58
C LYS B 295 28.86 -21.74 1.74
N PRO B 296 27.71 -21.68 2.44
CA PRO B 296 27.55 -20.78 3.59
C PRO B 296 28.50 -21.13 4.74
N THR B 297 29.03 -20.11 5.40
CA THR B 297 29.96 -20.31 6.50
C THR B 297 29.32 -20.06 7.86
N GLY B 298 28.22 -19.32 7.85
CA GLY B 298 27.52 -18.98 9.08
C GLY B 298 28.05 -17.69 9.65
N LYS B 299 29.09 -17.16 8.99
CA LYS B 299 29.72 -15.92 9.41
C LYS B 299 29.47 -14.89 8.32
N PRO B 300 28.36 -14.14 8.44
CA PRO B 300 28.05 -13.13 7.43
C PRO B 300 29.00 -11.95 7.50
N THR B 301 29.47 -11.49 6.33
CA THR B 301 30.35 -10.34 6.28
C THR B 301 29.49 -9.13 5.91
N ASN B 302 30.06 -7.93 6.02
CA ASN B 302 29.29 -6.72 5.75
C ASN B 302 29.82 -5.79 4.67
N GLY B 303 30.58 -6.33 3.73
CA GLY B 303 31.12 -5.52 2.66
C GLY B 303 30.08 -5.21 1.60
N VAL B 304 29.04 -6.03 1.52
CA VAL B 304 27.97 -5.83 0.56
C VAL B 304 26.75 -5.35 1.31
N THR B 305 26.27 -4.16 0.95
CA THR B 305 25.11 -3.62 1.63
C THR B 305 23.84 -4.17 0.96
N ILE B 306 22.83 -4.46 1.77
CA ILE B 306 21.56 -4.94 1.25
C ILE B 306 20.57 -3.94 1.80
N GLN B 307 20.12 -3.05 0.92
CA GLN B 307 19.25 -1.97 1.33
C GLN B 307 18.02 -1.89 0.46
N ASP B 308 16.94 -1.40 1.04
CA ASP B 308 15.70 -1.25 0.32
C ASP B 308 15.19 -2.56 -0.24
N VAL B 309 15.14 -3.55 0.63
CA VAL B 309 14.60 -4.85 0.27
C VAL B 309 13.16 -4.79 0.75
N LYS B 310 12.24 -5.03 -0.18
CA LYS B 310 10.84 -5.01 0.12
C LYS B 310 10.21 -6.34 -0.25
N LEU B 311 9.63 -7.00 0.74
CA LEU B 311 8.92 -8.24 0.51
C LEU B 311 7.50 -7.92 0.81
N GLU B 312 6.60 -8.19 -0.13
CA GLU B 312 5.19 -7.94 0.11
C GLU B 312 4.40 -9.07 -0.51
N SER B 313 3.61 -9.71 0.34
CA SER B 313 2.79 -10.85 -0.07
C SER B 313 3.68 -11.95 -0.62
N VAL B 314 4.58 -12.43 0.24
CA VAL B 314 5.48 -13.53 -0.09
C VAL B 314 4.92 -14.62 0.81
N THR B 315 4.20 -15.53 0.20
CA THR B 315 3.52 -16.57 0.95
C THR B 315 3.62 -17.95 0.34
N GLY B 316 3.09 -18.91 1.09
CA GLY B 316 3.10 -20.26 0.61
C GLY B 316 3.62 -21.23 1.63
N SER B 317 4.03 -22.38 1.12
CA SER B 317 4.51 -23.45 1.98
C SER B 317 5.88 -23.94 1.56
N VAL B 318 6.57 -24.54 2.52
CA VAL B 318 7.87 -25.13 2.26
C VAL B 318 7.72 -26.55 2.76
N ASP B 319 8.57 -27.44 2.26
CA ASP B 319 8.51 -28.83 2.67
C ASP B 319 9.04 -29.04 4.09
N SER B 320 8.78 -30.22 4.65
CA SER B 320 9.18 -30.50 6.02
C SER B 320 10.66 -30.70 6.30
N GLY B 321 11.51 -30.37 5.33
CA GLY B 321 12.94 -30.45 5.52
C GLY B 321 13.51 -29.06 5.24
N ALA B 322 12.62 -28.10 5.03
CA ALA B 322 13.00 -26.72 4.72
C ALA B 322 12.90 -25.77 5.90
N THR B 323 13.46 -24.59 5.70
CA THR B 323 13.43 -23.51 6.67
C THR B 323 12.56 -22.45 6.00
N GLU B 324 11.62 -21.90 6.74
CA GLU B 324 10.72 -20.90 6.19
C GLU B 324 11.44 -19.64 5.76
N ILE B 325 12.13 -19.01 6.71
CA ILE B 325 12.84 -17.76 6.43
C ILE B 325 14.18 -17.79 7.14
N TYR B 326 15.21 -17.38 6.43
CA TYR B 326 16.56 -17.36 6.99
C TYR B 326 17.19 -16.03 6.57
N LEU B 327 17.46 -15.19 7.55
CA LEU B 327 18.04 -13.89 7.32
C LEU B 327 19.35 -13.83 8.06
N LEU B 328 20.45 -13.83 7.31
CA LEU B 328 21.77 -13.78 7.93
C LEU B 328 22.55 -12.64 7.32
N CYS B 329 22.37 -11.45 7.89
CA CYS B 329 23.04 -10.25 7.44
C CYS B 329 24.35 -10.01 8.17
N GLY B 330 25.25 -9.28 7.52
CA GLY B 330 26.50 -8.93 8.15
C GLY B 330 26.16 -7.84 9.15
N SER B 331 27.15 -7.41 9.93
CA SER B 331 26.91 -6.38 10.92
C SER B 331 26.70 -5.00 10.27
N GLY B 332 25.46 -4.53 10.34
CA GLY B 332 25.12 -3.22 9.80
C GLY B 332 25.01 -3.07 8.30
N SER B 333 25.18 -4.17 7.56
CA SER B 333 25.10 -4.10 6.11
C SER B 333 23.68 -4.09 5.55
N CYS B 334 22.71 -4.54 6.34
CA CYS B 334 21.32 -4.55 5.91
C CYS B 334 20.58 -3.39 6.55
N SER B 335 19.90 -2.60 5.73
CA SER B 335 19.16 -1.46 6.25
C SER B 335 18.01 -1.12 5.34
N ASP B 336 17.00 -0.51 5.96
CA ASP B 336 15.82 -0.04 5.26
C ASP B 336 15.10 -1.12 4.46
N TRP B 337 14.31 -1.92 5.16
CA TRP B 337 13.55 -2.96 4.50
C TRP B 337 12.07 -2.71 4.76
N THR B 338 11.24 -3.35 3.95
CA THR B 338 9.80 -3.27 4.07
C THR B 338 9.40 -4.74 4.02
N TRP B 339 8.63 -5.14 5.01
CA TRP B 339 8.25 -6.54 5.15
C TRP B 339 6.77 -6.60 5.41
N ASP B 340 6.02 -6.99 4.39
CA ASP B 340 4.58 -7.07 4.49
C ASP B 340 4.03 -8.38 3.99
N ASP B 341 3.11 -8.94 4.76
CA ASP B 341 2.47 -10.19 4.42
C ASP B 341 3.45 -11.26 3.95
N VAL B 342 4.46 -11.51 4.77
CA VAL B 342 5.44 -12.55 4.48
C VAL B 342 5.03 -13.69 5.40
N LYS B 343 4.31 -14.65 4.84
CA LYS B 343 3.83 -15.78 5.62
C LYS B 343 4.16 -17.07 4.89
N VAL B 344 5.19 -17.74 5.38
CA VAL B 344 5.67 -18.99 4.82
C VAL B 344 5.49 -20.08 5.88
N THR B 345 4.70 -21.10 5.55
CA THR B 345 4.42 -22.20 6.48
C THR B 345 5.11 -23.50 6.10
N GLY B 346 5.10 -24.44 7.03
CA GLY B 346 5.73 -25.74 6.82
C GLY B 346 7.18 -25.69 7.27
N GLY B 347 7.86 -26.83 7.24
CA GLY B 347 9.26 -26.86 7.63
C GLY B 347 9.50 -26.34 9.03
N LYS B 348 10.53 -25.53 9.19
CA LYS B 348 10.86 -24.98 10.50
C LYS B 348 11.16 -23.49 10.46
N LYS B 349 11.02 -22.87 11.62
CA LYS B 349 11.33 -21.45 11.77
C LYS B 349 12.77 -21.42 12.27
N SER B 350 13.59 -20.63 11.60
CA SER B 350 15.00 -20.51 11.96
C SER B 350 15.19 -19.74 13.27
N THR B 351 16.11 -20.21 14.09
CA THR B 351 16.43 -19.53 15.34
C THR B 351 17.83 -18.95 15.17
N ALA B 352 18.34 -18.99 13.93
CA ALA B 352 19.69 -18.53 13.63
C ALA B 352 19.80 -17.24 12.85
N CYS B 353 18.68 -16.54 12.67
CA CYS B 353 18.70 -15.28 11.95
C CYS B 353 19.46 -14.21 12.71
N LYS B 354 20.19 -13.38 11.98
CA LYS B 354 20.99 -12.33 12.61
C LYS B 354 21.09 -11.04 11.79
N ASN B 355 21.22 -9.93 12.51
CA ASN B 355 21.42 -8.59 11.95
C ASN B 355 20.48 -8.04 10.89
N PHE B 356 19.26 -8.55 10.85
CA PHE B 356 18.29 -8.08 9.86
C PHE B 356 17.49 -6.93 10.44
N PRO B 357 16.99 -6.02 9.57
CA PRO B 357 16.19 -4.88 10.02
C PRO B 357 14.99 -5.39 10.82
N SER B 358 14.68 -4.74 11.93
CA SER B 358 13.59 -5.19 12.81
C SER B 358 12.20 -5.35 12.17
N VAL B 359 11.97 -4.70 11.03
CA VAL B 359 10.67 -4.86 10.36
C VAL B 359 10.52 -6.30 9.87
N ALA B 360 11.65 -6.94 9.61
CA ALA B 360 11.63 -8.31 9.14
C ALA B 360 11.62 -9.29 10.30
N SER B 361 11.37 -10.55 9.98
CA SER B 361 11.38 -11.58 10.99
C SER B 361 11.47 -12.91 10.32
N CYS B 362 12.01 -13.87 11.06
CA CYS B 362 12.12 -15.23 10.58
C CYS B 362 10.94 -16.03 11.11
C1 NAG C . -15.79 7.95 -1.22
C2 NAG C . -16.12 7.79 -2.69
C3 NAG C . -15.07 8.51 -3.52
C4 NAG C . -14.85 9.95 -3.03
C5 NAG C . -14.67 10.01 -1.51
C6 NAG C . -14.64 11.42 -0.95
C7 NAG C . -17.23 5.66 -3.03
C8 NAG C . -17.10 4.20 -3.42
N2 NAG C . -16.10 6.38 -3.04
O3 NAG C . -15.52 8.53 -4.87
O4 NAG C . -13.68 10.49 -3.62
O5 NAG C . -15.74 9.32 -0.86
O6 NAG C . -15.85 12.10 -1.23
O7 NAG C . -18.31 6.12 -2.70
ZN ZN D . -17.84 35.66 29.06
ZN ZN E . -15.56 14.23 28.12
ZN ZN F . -24.35 22.54 -8.21
C1 NAG G . 13.36 0.70 -11.52
C2 NAG G . 13.29 2.15 -11.99
C3 NAG G . 11.95 2.39 -12.67
C4 NAG G . 11.72 1.36 -13.78
C5 NAG G . 11.89 -0.07 -13.24
C6 NAG G . 11.84 -1.13 -14.32
C7 NAG G . 14.61 3.49 -10.47
C8 NAG G . 14.65 4.42 -9.26
N2 NAG G . 13.42 3.03 -10.85
O3 NAG G . 11.94 3.70 -13.21
O4 NAG G . 10.40 1.48 -14.32
O5 NAG G . 13.18 -0.20 -12.62
O6 NAG G . 12.81 -0.86 -15.33
O7 NAG G . 15.67 3.24 -11.06
ZN ZN H . 14.05 2.93 1.29
ZN ZN I . 19.64 -28.16 -7.00
ZN ZN J . 16.97 2.72 -29.49
#